data_8YP9
#
_entry.id   8YP9
#
_cell.length_a   64.617
_cell.length_b   111.449
_cell.length_c   171.840
_cell.angle_alpha   90.00
_cell.angle_beta   90.00
_cell.angle_gamma   90.00
#
_symmetry.space_group_name_H-M   'P 21 21 21'
#
loop_
_entity.id
_entity.type
_entity.pdbx_description
1 polymer 'NADP-dependent oxidoreductase domain-containing protein'
2 non-polymer 'NADP NICOTINAMIDE-ADENINE-DINUCLEOTIDE PHOSPHATE'
3 water water
#
_entity_poly.entity_id   1
_entity_poly.type   'polypeptide(L)'
_entity_poly.pdbx_seq_one_letter_code
;MMPATLANKTFKLNNGVEIPAVGFGTFAAEGQPGQTYAATKAALEAGYRHLDCAWFYQNEDEIGNAIADFLKENPSVKRE
DLFICTKVWNHMHAPEDVKWSLDNSLKALRLDYVDLFLVHWPIAAERTEDRQVKLGPDGKYVINHELTENPEPTWRAMEE
LYEAKKARAIGVSNWTIDGLKKLFAVAKVKPAVNQIEIHPYLPNEELVRFCLDNDVLPSAYSPLGSQDQVPTTGERVRDD
PGLNAVANRSNMTLAQALLGWGVKRGYVVLPKSSTPSRIKSNIEVPDLSEADYQDLWKVANGRKPTRFVDMKDTFGYDLW
KESQLEHHHHHH
;
_entity_poly.pdbx_strand_id   A,B,C
#
# COMPACT_ATOMS: atom_id res chain seq x y z
N MET A 1 -30.73 3.01 33.80
CA MET A 1 -30.60 2.73 32.37
C MET A 1 -31.80 3.35 31.68
N MET A 2 -31.57 3.83 30.46
CA MET A 2 -32.59 4.45 29.63
C MET A 2 -32.76 3.61 28.37
N PRO A 3 -33.74 2.71 28.31
CA PRO A 3 -33.91 1.91 27.08
C PRO A 3 -34.00 2.78 25.83
N ALA A 4 -34.68 3.92 25.92
CA ALA A 4 -34.83 4.84 24.80
C ALA A 4 -33.62 5.78 24.61
N THR A 5 -32.47 5.47 25.21
CA THR A 5 -31.35 6.38 25.13
C THR A 5 -30.93 6.61 23.69
N LEU A 6 -30.45 7.81 23.40
CA LEU A 6 -29.93 8.08 22.08
C LEU A 6 -28.49 7.64 21.94
N ALA A 7 -27.93 7.01 22.98
CA ALA A 7 -26.64 6.34 22.84
C ALA A 7 -26.65 5.28 21.75
N ASN A 8 -27.83 4.84 21.29
CA ASN A 8 -27.85 3.93 20.15
C ASN A 8 -27.89 4.67 18.81
N LYS A 9 -27.89 5.99 18.81
CA LYS A 9 -28.04 6.75 17.57
C LYS A 9 -26.68 7.03 16.92
N THR A 10 -26.65 6.98 15.59
CA THR A 10 -25.49 7.36 14.82
C THR A 10 -25.88 8.40 13.79
N PHE A 11 -24.88 9.16 13.35
CA PHE A 11 -24.99 10.05 12.20
C PHE A 11 -24.15 9.46 11.07
N LYS A 12 -24.47 9.85 9.84
CA LYS A 12 -23.74 9.35 8.67
C LYS A 12 -22.89 10.48 8.11
N LEU A 13 -21.56 10.31 8.18
CA LEU A 13 -20.64 11.30 7.65
C LEU A 13 -20.71 11.31 6.12
N ASN A 14 -20.24 12.41 5.53
CA ASN A 14 -20.32 12.60 4.09
C ASN A 14 -19.57 11.56 3.29
N ASN A 15 -18.81 10.66 3.93
CA ASN A 15 -18.19 9.53 3.24
C ASN A 15 -18.83 8.21 3.62
N GLY A 16 -20.00 8.25 4.27
CA GLY A 16 -20.73 7.04 4.57
C GLY A 16 -20.43 6.42 5.92
N VAL A 17 -19.33 6.81 6.56
CA VAL A 17 -18.99 6.27 7.87
C VAL A 17 -20.00 6.73 8.90
N GLU A 18 -20.35 5.82 9.80
CA GLU A 18 -21.31 6.08 10.85
C GLU A 18 -20.57 6.46 12.12
N ILE A 19 -21.00 7.53 12.77
CA ILE A 19 -20.38 7.98 14.01
C ILE A 19 -21.44 7.96 15.11
N PRO A 20 -21.19 7.33 16.25
CA PRO A 20 -22.15 7.39 17.35
C PRO A 20 -22.41 8.82 17.76
N ALA A 21 -23.68 9.11 18.04
CA ALA A 21 -24.06 10.47 18.40
C ALA A 21 -23.46 10.92 19.72
N VAL A 22 -23.20 10.00 20.65
CA VAL A 22 -22.61 10.35 21.95
C VAL A 22 -21.22 9.73 22.01
N GLY A 23 -20.21 10.55 22.29
CA GLY A 23 -18.88 10.04 22.50
C GLY A 23 -18.37 10.41 23.87
N PHE A 24 -17.37 9.69 24.36
CA PHE A 24 -16.81 9.95 25.67
C PHE A 24 -15.53 10.78 25.54
N GLY A 25 -15.51 11.96 26.15
CA GLY A 25 -14.33 12.79 26.16
C GLY A 25 -13.30 12.30 27.15
N THR A 26 -12.07 12.02 26.70
CA THR A 26 -11.05 11.41 27.55
C THR A 26 -10.06 12.38 28.13
N PHE A 27 -10.24 13.71 27.95
CA PHE A 27 -9.24 14.66 28.41
C PHE A 27 -9.14 14.65 29.94
N ALA A 28 -7.92 14.53 30.44
CA ALA A 28 -7.62 14.37 31.86
C ALA A 28 -6.51 15.34 32.25
N ALA A 29 -6.69 16.62 31.93
CA ALA A 29 -5.65 17.63 32.05
C ALA A 29 -4.99 17.64 33.43
N GLU A 30 -5.58 16.96 34.41
CA GLU A 30 -4.96 16.79 35.73
C GLU A 30 -4.94 15.31 36.14
N GLY A 31 -3.91 14.59 35.67
CA GLY A 31 -3.59 13.26 36.17
C GLY A 31 -4.80 12.36 36.31
N GLN A 32 -4.66 11.35 37.16
CA GLN A 32 -3.36 10.89 37.63
C GLN A 32 -2.94 9.76 36.69
N PRO A 33 -1.78 9.17 36.94
CA PRO A 33 -1.53 7.82 36.41
C PRO A 33 -2.68 6.88 36.74
N GLY A 34 -3.33 6.30 35.73
CA GLY A 34 -4.38 5.32 35.94
C GLY A 34 -5.79 5.85 35.85
N GLN A 35 -5.98 7.17 35.94
CA GLN A 35 -7.33 7.72 35.94
C GLN A 35 -7.99 7.63 34.57
N THR A 36 -7.22 7.85 33.50
CA THR A 36 -7.80 7.72 32.17
C THR A 36 -8.20 6.27 31.88
N TYR A 37 -7.41 5.32 32.35
CA TYR A 37 -7.76 3.91 32.16
C TYR A 37 -9.10 3.61 32.83
N ALA A 38 -9.24 3.97 34.10
CA ALA A 38 -10.48 3.68 34.81
C ALA A 38 -11.66 4.35 34.15
N ALA A 39 -11.51 5.63 33.77
CA ALA A 39 -12.65 6.34 33.20
C ALA A 39 -13.05 5.75 31.85
N THR A 40 -12.06 5.48 31.00
CA THR A 40 -12.34 4.89 29.69
C THR A 40 -12.97 3.53 29.85
N LYS A 41 -12.42 2.71 30.74
CA LYS A 41 -13.02 1.42 31.02
C LYS A 41 -14.47 1.60 31.46
N ALA A 42 -14.74 2.54 32.37
CA ALA A 42 -16.10 2.78 32.81
C ALA A 42 -16.99 3.19 31.64
N ALA A 43 -16.50 4.05 30.76
CA ALA A 43 -17.34 4.47 29.64
C ALA A 43 -17.69 3.28 28.75
N LEU A 44 -16.69 2.43 28.44
CA LEU A 44 -16.94 1.29 27.57
C LEU A 44 -17.98 0.36 28.20
N GLU A 45 -17.82 0.08 29.50
CA GLU A 45 -18.79 -0.77 30.17
C GLU A 45 -20.17 -0.14 30.21
N ALA A 46 -20.24 1.19 30.29
CA ALA A 46 -21.55 1.85 30.38
C ALA A 46 -22.28 1.89 29.05
N GLY A 47 -21.65 1.50 27.95
CA GLY A 47 -22.30 1.48 26.65
C GLY A 47 -21.76 2.50 25.68
N TYR A 48 -20.77 3.30 26.06
CA TYR A 48 -20.17 4.18 25.07
C TYR A 48 -19.48 3.33 24.01
N ARG A 49 -19.64 3.72 22.76
CA ARG A 49 -18.92 3.11 21.64
C ARG A 49 -18.13 4.14 20.85
N HIS A 50 -17.94 5.33 21.39
CA HIS A 50 -17.28 6.43 20.70
C HIS A 50 -16.34 7.02 21.73
N LEU A 51 -15.05 7.03 21.43
CA LEU A 51 -14.07 7.57 22.36
C LEU A 51 -13.32 8.66 21.64
N ASP A 52 -13.26 9.83 22.28
CA ASP A 52 -12.60 11.01 21.72
C ASP A 52 -11.28 11.24 22.45
N CYS A 53 -10.19 11.28 21.69
CA CYS A 53 -8.84 11.31 22.27
C CYS A 53 -7.98 12.31 21.54
N ALA A 54 -6.78 12.55 22.06
CA ALA A 54 -5.89 13.52 21.43
C ALA A 54 -4.47 13.28 21.90
N TRP A 55 -3.54 13.42 20.97
CA TRP A 55 -2.13 13.40 21.34
C TRP A 55 -1.85 14.38 22.46
N PHE A 56 -2.52 15.53 22.45
CA PHE A 56 -2.20 16.61 23.39
C PHE A 56 -2.34 16.17 24.84
N TYR A 57 -3.30 15.31 25.14
CA TYR A 57 -3.52 14.95 26.54
C TYR A 57 -2.59 13.84 27.03
N GLN A 58 -1.77 13.27 26.15
CA GLN A 58 -0.67 12.42 26.58
C GLN A 58 -1.17 11.24 27.44
N ASN A 59 -2.37 10.73 27.14
CA ASN A 59 -2.93 9.62 27.90
C ASN A 59 -3.46 8.52 26.98
N GLU A 60 -3.12 8.56 25.70
CA GLU A 60 -3.63 7.56 24.79
C GLU A 60 -3.15 6.16 25.14
N ASP A 61 -2.02 6.05 25.84
CA ASP A 61 -1.54 4.76 26.27
C ASP A 61 -2.53 4.11 27.22
N GLU A 62 -3.04 4.88 28.19
CA GLU A 62 -4.01 4.34 29.12
C GLU A 62 -5.31 3.97 28.41
N ILE A 63 -5.70 4.78 27.43
CA ILE A 63 -6.87 4.46 26.63
C ILE A 63 -6.68 3.13 25.92
N GLY A 64 -5.49 2.93 25.31
CA GLY A 64 -5.23 1.71 24.56
C GLY A 64 -5.40 0.46 25.41
N ASN A 65 -4.84 0.48 26.63
CA ASN A 65 -5.04 -0.62 27.56
C ASN A 65 -6.50 -0.80 27.91
N ALA A 66 -7.24 0.30 28.12
CA ALA A 66 -8.64 0.19 28.47
C ALA A 66 -9.43 -0.49 27.36
N ILE A 67 -9.20 -0.10 26.11
CA ILE A 67 -9.88 -0.73 24.99
C ILE A 67 -9.50 -2.20 24.91
N ALA A 68 -8.19 -2.48 25.01
CA ALA A 68 -7.72 -3.86 24.92
C ALA A 68 -8.28 -4.71 26.04
N ASP A 69 -8.29 -4.19 27.26
CA ASP A 69 -8.83 -4.97 28.37
C ASP A 69 -10.32 -5.19 28.21
N PHE A 70 -11.05 -4.13 27.79
CA PHE A 70 -12.49 -4.27 27.59
C PHE A 70 -12.79 -5.32 26.54
N LEU A 71 -12.06 -5.31 25.43
CA LEU A 71 -12.28 -6.28 24.38
C LEU A 71 -11.93 -7.69 24.84
N LYS A 72 -10.84 -7.85 25.60
CA LYS A 72 -10.50 -9.17 26.09
C LYS A 72 -11.58 -9.71 27.03
N GLU A 73 -12.14 -8.83 27.87
CA GLU A 73 -13.19 -9.23 28.81
C GLU A 73 -14.54 -9.47 28.15
N ASN A 74 -14.78 -8.95 26.96
CA ASN A 74 -16.09 -9.04 26.32
C ASN A 74 -15.91 -9.54 24.90
N PRO A 75 -15.71 -10.84 24.73
CA PRO A 75 -15.48 -11.40 23.39
C PRO A 75 -16.55 -11.07 22.37
N SER A 76 -17.80 -10.80 22.80
CA SER A 76 -18.84 -10.47 21.84
C SER A 76 -18.60 -9.13 21.14
N VAL A 77 -17.83 -8.23 21.74
CA VAL A 77 -17.58 -6.91 21.15
C VAL A 77 -16.30 -6.95 20.34
N LYS A 78 -16.30 -6.32 19.16
CA LYS A 78 -15.15 -6.28 18.27
C LYS A 78 -14.62 -4.85 18.17
N ARG A 79 -13.30 -4.70 18.03
CA ARG A 79 -12.74 -3.37 17.80
C ARG A 79 -13.54 -2.60 16.76
N GLU A 80 -14.06 -3.30 15.76
CA GLU A 80 -14.83 -2.61 14.72
C GLU A 80 -16.12 -2.01 15.25
N ASP A 81 -16.55 -2.40 16.45
CA ASP A 81 -17.77 -1.86 17.06
C ASP A 81 -17.52 -0.51 17.72
N LEU A 82 -16.26 -0.14 17.88
CA LEU A 82 -15.84 1.10 18.54
C LEU A 82 -15.52 2.15 17.49
N PHE A 83 -15.77 3.41 17.85
CA PHE A 83 -15.45 4.56 17.01
C PHE A 83 -14.40 5.36 17.77
N ILE A 84 -13.15 5.31 17.29
CA ILE A 84 -12.02 5.95 17.97
C ILE A 84 -11.57 7.16 17.18
N CYS A 85 -11.50 8.31 17.86
CA CYS A 85 -11.06 9.55 17.26
C CYS A 85 -9.82 10.05 17.99
N THR A 86 -8.80 10.48 17.23
CA THR A 86 -7.69 11.21 17.83
C THR A 86 -7.31 12.40 16.94
N LYS A 87 -6.32 13.17 17.40
CA LYS A 87 -6.04 14.49 16.84
C LYS A 87 -4.55 14.79 16.90
N VAL A 88 -4.08 15.59 15.94
CA VAL A 88 -2.67 16.02 15.86
C VAL A 88 -2.58 17.46 16.36
N TRP A 89 -1.58 17.72 17.20
CA TRP A 89 -1.47 19.02 17.84
C TRP A 89 -0.75 20.02 16.94
N ASN A 90 -0.70 21.28 17.41
CA ASN A 90 -0.32 22.44 16.60
C ASN A 90 1.15 22.41 16.16
N HIS A 91 2.05 21.82 16.94
CA HIS A 91 3.46 21.83 16.59
C HIS A 91 3.82 20.73 15.61
N MET A 92 2.82 20.04 15.06
CA MET A 92 3.00 18.85 14.22
C MET A 92 2.20 18.95 12.92
N HIS A 93 1.99 20.18 12.42
CA HIS A 93 1.28 20.40 11.16
C HIS A 93 2.13 20.20 9.91
N ALA A 94 3.45 20.08 10.05
CA ALA A 94 4.26 19.70 8.89
C ALA A 94 3.83 18.31 8.41
N PRO A 95 3.80 18.08 7.09
CA PRO A 95 3.20 16.83 6.58
C PRO A 95 3.81 15.58 7.18
N GLU A 96 5.13 15.51 7.29
CA GLU A 96 5.69 14.31 7.86
C GLU A 96 5.35 14.19 9.35
N ASP A 97 5.21 15.32 10.05
CA ASP A 97 4.86 15.29 11.46
C ASP A 97 3.40 14.88 11.68
N VAL A 98 2.52 15.20 10.73
CA VAL A 98 1.14 14.73 10.82
C VAL A 98 1.12 13.20 10.79
N LYS A 99 1.87 12.59 9.85
CA LYS A 99 1.86 11.14 9.77
C LYS A 99 2.52 10.53 10.99
N TRP A 100 3.61 11.14 11.47
CA TRP A 100 4.27 10.66 12.66
C TRP A 100 3.33 10.67 13.86
N SER A 101 2.50 11.71 13.96
CA SER A 101 1.60 11.86 15.10
C SER A 101 0.53 10.77 15.12
N LEU A 102 -0.07 10.50 13.97
CA LEU A 102 -1.03 9.40 13.90
C LEU A 102 -0.33 8.07 14.19
N ASP A 103 0.83 7.84 13.59
CA ASP A 103 1.54 6.61 13.88
C ASP A 103 1.79 6.46 15.39
N ASN A 104 2.20 7.53 16.05
CA ASN A 104 2.43 7.51 17.48
C ASN A 104 1.14 7.23 18.25
N SER A 105 0.07 7.92 17.88
CA SER A 105 -1.23 7.69 18.54
C SER A 105 -1.71 6.26 18.30
N LEU A 106 -1.56 5.75 17.08
CA LEU A 106 -1.95 4.37 16.79
C LEU A 106 -1.18 3.38 17.65
N LYS A 107 0.12 3.63 17.85
CA LYS A 107 0.92 2.80 18.72
C LYS A 107 0.40 2.80 20.15
N ALA A 108 0.18 3.98 20.73
CA ALA A 108 -0.26 4.04 22.13
C ALA A 108 -1.63 3.42 22.31
N LEU A 109 -2.55 3.66 21.36
CA LEU A 109 -3.90 3.13 21.46
C LEU A 109 -3.92 1.64 21.19
N ARG A 110 -2.84 1.08 20.66
CA ARG A 110 -2.77 -0.33 20.31
C ARG A 110 -3.79 -0.64 19.21
N LEU A 111 -3.89 0.25 18.22
CA LEU A 111 -4.81 0.08 17.12
C LEU A 111 -4.07 0.10 15.80
N ASP A 112 -4.72 -0.46 14.76
CA ASP A 112 -4.18 -0.41 13.41
C ASP A 112 -4.69 0.77 12.63
N TYR A 113 -5.82 1.34 13.05
CA TYR A 113 -6.42 2.49 12.38
C TYR A 113 -7.27 3.20 13.42
N VAL A 114 -7.61 4.45 13.12
CA VAL A 114 -8.59 5.19 13.90
C VAL A 114 -9.78 5.46 13.03
N ASP A 115 -10.92 5.65 13.68
CA ASP A 115 -12.13 5.93 12.92
C ASP A 115 -12.20 7.39 12.50
N LEU A 116 -11.66 8.30 13.29
CA LEU A 116 -11.64 9.70 12.90
C LEU A 116 -10.32 10.35 13.31
N PHE A 117 -9.69 11.06 12.37
CA PHE A 117 -8.48 11.84 12.66
C PHE A 117 -8.73 13.31 12.38
N LEU A 118 -8.41 14.17 13.36
CA LEU A 118 -8.68 15.59 13.31
C LEU A 118 -7.41 16.42 13.46
N VAL A 119 -7.33 17.50 12.68
CA VAL A 119 -6.40 18.59 12.98
C VAL A 119 -6.96 19.36 14.17
N HIS A 120 -6.20 19.43 15.25
CA HIS A 120 -6.79 19.86 16.51
C HIS A 120 -7.11 21.37 16.53
N TRP A 121 -6.25 22.18 15.92
CA TRP A 121 -6.46 23.62 15.78
C TRP A 121 -5.97 24.07 14.42
N PRO A 122 -6.59 25.13 13.84
CA PRO A 122 -6.10 25.64 12.55
C PRO A 122 -4.90 26.52 12.73
N ILE A 123 -3.98 26.12 13.63
CA ILE A 123 -2.80 26.89 13.99
C ILE A 123 -1.60 25.97 13.94
N ALA A 124 -0.62 26.33 13.12
CA ALA A 124 0.64 25.61 12.99
C ALA A 124 1.73 26.34 13.77
N ALA A 125 2.43 25.59 14.63
CA ALA A 125 3.49 26.11 15.48
C ALA A 125 4.75 25.28 15.31
N GLU A 126 5.89 25.87 15.68
CA GLU A 126 7.18 25.21 15.56
C GLU A 126 7.36 24.13 16.63
N ARG A 127 8.17 23.14 16.32
CA ARG A 127 8.45 22.06 17.26
C ARG A 127 9.94 21.95 17.56
N THR A 128 10.24 21.33 18.71
CA THR A 128 11.60 21.01 19.08
C THR A 128 12.09 19.76 18.36
N GLU A 129 13.39 19.51 18.49
CA GLU A 129 13.97 18.32 17.90
C GLU A 129 13.27 17.07 18.37
N ASP A 130 12.89 17.02 19.65
CA ASP A 130 12.21 15.87 20.23
C ASP A 130 10.69 15.97 20.15
N ARG A 131 10.17 16.75 19.20
CA ARG A 131 8.75 16.70 18.90
C ARG A 131 7.90 17.15 20.09
N GLN A 132 8.33 18.23 20.75
CA GLN A 132 7.54 18.97 21.74
C GLN A 132 7.22 20.36 21.21
N VAL A 133 6.37 21.09 21.93
CA VAL A 133 6.03 22.45 21.52
C VAL A 133 7.21 23.38 21.82
N LYS A 134 7.75 24.01 20.79
CA LYS A 134 8.81 24.99 20.99
C LYS A 134 8.26 26.29 21.55
N LEU A 135 8.85 26.78 22.63
CA LEU A 135 8.43 28.03 23.25
C LEU A 135 9.33 29.17 22.84
N GLY A 136 8.71 30.30 22.49
CA GLY A 136 9.45 31.49 22.15
C GLY A 136 9.92 32.22 23.38
N PRO A 137 10.56 33.38 23.15
CA PRO A 137 11.15 34.14 24.27
C PRO A 137 10.15 34.68 25.28
N ASP A 138 8.88 34.85 24.89
CA ASP A 138 7.78 35.24 25.76
C ASP A 138 7.11 34.03 26.40
N GLY A 139 7.59 32.83 26.09
CA GLY A 139 7.00 31.61 26.59
C GLY A 139 5.78 31.13 25.85
N LYS A 140 5.49 31.65 24.67
CA LYS A 140 4.30 31.27 23.92
C LYS A 140 4.70 30.41 22.71
N TYR A 141 3.70 29.79 22.09
CA TYR A 141 3.99 29.05 20.87
C TYR A 141 4.66 29.98 19.85
N VAL A 142 5.55 29.39 19.05
CA VAL A 142 6.20 30.08 17.94
C VAL A 142 5.40 29.73 16.68
N ILE A 143 4.73 30.73 16.10
CA ILE A 143 3.74 30.45 15.05
C ILE A 143 4.44 30.37 13.71
N ASN A 144 4.13 29.32 12.94
CA ASN A 144 4.55 29.20 11.54
C ASN A 144 3.45 29.82 10.71
N HIS A 145 3.68 31.03 10.24
CA HIS A 145 2.59 31.75 9.59
C HIS A 145 2.29 31.20 8.21
N GLU A 146 3.30 30.68 7.51
CA GLU A 146 3.07 30.12 6.19
C GLU A 146 2.12 28.92 6.27
N LEU A 147 2.42 27.99 7.19
CA LEU A 147 1.61 26.80 7.34
C LEU A 147 0.27 27.10 8.00
N THR A 148 0.17 28.20 8.78
CA THR A 148 -1.11 28.55 9.40
C THR A 148 -2.06 29.16 8.40
N GLU A 149 -1.55 30.04 7.54
CA GLU A 149 -2.39 30.72 6.57
C GLU A 149 -2.67 29.87 5.34
N ASN A 150 -1.82 28.90 5.05
CA ASN A 150 -2.00 28.03 3.89
C ASN A 150 -1.84 26.61 4.38
N PRO A 151 -2.91 26.04 4.95
CA PRO A 151 -2.81 24.72 5.58
C PRO A 151 -2.83 23.56 4.59
N GLU A 152 -2.83 23.85 3.29
CA GLU A 152 -2.93 22.79 2.29
C GLU A 152 -1.95 21.65 2.54
N PRO A 153 -0.66 21.90 2.75
CA PRO A 153 0.26 20.78 2.99
C PRO A 153 -0.18 19.89 4.14
N THR A 154 -0.67 20.50 5.22
CA THR A 154 -1.16 19.75 6.37
C THR A 154 -2.37 18.91 5.98
N TRP A 155 -3.28 19.46 5.19
CA TRP A 155 -4.47 18.70 4.82
C TRP A 155 -4.15 17.56 3.85
N ARG A 156 -3.25 17.82 2.88
CA ARG A 156 -2.79 16.75 1.99
C ARG A 156 -2.32 15.57 2.80
N ALA A 157 -1.57 15.84 3.87
CA ALA A 157 -1.08 14.76 4.72
C ALA A 157 -2.23 13.98 5.36
N MET A 158 -3.27 14.67 5.83
CA MET A 158 -4.45 13.96 6.31
C MET A 158 -5.11 13.18 5.17
N GLU A 159 -5.19 13.76 3.97
CA GLU A 159 -5.78 13.04 2.87
C GLU A 159 -5.02 11.74 2.58
N GLU A 160 -3.69 11.80 2.62
CA GLU A 160 -2.92 10.59 2.35
C GLU A 160 -3.12 9.55 3.45
N LEU A 161 -3.21 9.97 4.71
CA LEU A 161 -3.46 9.00 5.75
C LEU A 161 -4.80 8.31 5.53
N TYR A 162 -5.80 9.10 5.11
CA TYR A 162 -7.15 8.60 4.85
C TYR A 162 -7.14 7.60 3.69
N GLU A 163 -6.45 7.93 2.62
CA GLU A 163 -6.32 6.98 1.52
C GLU A 163 -5.50 5.76 1.90
N ALA A 164 -4.53 5.91 2.82
CA ALA A 164 -3.82 4.75 3.37
C ALA A 164 -4.66 3.91 4.31
N LYS A 165 -5.93 4.28 4.53
CA LYS A 165 -6.85 3.57 5.45
C LYS A 165 -6.36 3.57 6.88
N LYS A 166 -5.50 4.51 7.25
CA LYS A 166 -5.13 4.64 8.65
C LYS A 166 -6.16 5.46 9.41
N ALA A 167 -6.96 6.25 8.72
CA ALA A 167 -8.11 6.94 9.27
C ALA A 167 -9.30 6.65 8.37
N ARG A 168 -10.42 6.25 8.97
CA ARG A 168 -11.62 6.01 8.16
C ARG A 168 -12.33 7.30 7.76
N ALA A 169 -11.99 8.40 8.41
CA ALA A 169 -12.51 9.71 8.07
C ALA A 169 -11.53 10.74 8.62
N ILE A 170 -11.42 11.87 7.93
CA ILE A 170 -10.58 12.97 8.40
C ILE A 170 -11.45 14.20 8.62
N GLY A 171 -11.08 15.00 9.63
CA GLY A 171 -11.81 16.21 9.96
C GLY A 171 -10.97 17.29 10.60
N VAL A 172 -11.64 18.32 11.13
CA VAL A 172 -10.97 19.46 11.75
C VAL A 172 -11.64 19.75 13.09
N SER A 173 -10.96 20.57 13.88
CA SER A 173 -11.42 21.03 15.19
C SER A 173 -11.12 22.53 15.30
N ASN A 174 -12.08 23.28 15.85
CA ASN A 174 -11.95 24.73 16.06
C ASN A 174 -11.80 25.51 14.76
N TRP A 175 -12.21 24.91 13.63
CA TRP A 175 -12.20 25.63 12.36
C TRP A 175 -13.34 26.63 12.32
N THR A 176 -13.09 27.78 11.69
CA THR A 176 -14.08 28.83 11.50
C THR A 176 -14.78 28.67 10.16
N ILE A 177 -15.83 29.47 9.96
CA ILE A 177 -16.54 29.45 8.68
C ILE A 177 -15.59 29.80 7.54
N ASP A 178 -14.86 30.91 7.70
CA ASP A 178 -13.93 31.29 6.64
C ASP A 178 -12.83 30.25 6.49
N GLY A 179 -12.41 29.66 7.60
CA GLY A 179 -11.40 28.61 7.51
C GLY A 179 -11.89 27.44 6.69
N LEU A 180 -13.15 27.04 6.90
CA LEU A 180 -13.73 25.97 6.11
C LEU A 180 -13.78 26.37 4.65
N LYS A 181 -14.17 27.61 4.35
CA LYS A 181 -14.26 28.00 2.95
C LYS A 181 -12.90 27.87 2.28
N LYS A 182 -11.85 28.33 2.97
CA LYS A 182 -10.49 28.20 2.45
C LYS A 182 -10.10 26.73 2.28
N LEU A 183 -10.47 25.87 3.23
CA LEU A 183 -10.09 24.48 3.08
C LEU A 183 -10.83 23.83 1.92
N PHE A 184 -12.14 24.08 1.81
CA PHE A 184 -12.91 23.48 0.72
C PHE A 184 -12.24 23.73 -0.63
N ALA A 185 -11.59 24.90 -0.78
CA ALA A 185 -11.04 25.25 -2.08
C ALA A 185 -9.85 24.35 -2.42
N VAL A 186 -9.00 24.06 -1.43
CA VAL A 186 -7.80 23.27 -1.68
C VAL A 186 -7.99 21.80 -1.35
N ALA A 187 -9.14 21.38 -0.83
CA ALA A 187 -9.29 20.01 -0.37
C ALA A 187 -9.80 19.10 -1.49
N LYS A 188 -9.19 17.92 -1.60
CA LYS A 188 -9.73 16.84 -2.41
C LYS A 188 -10.74 15.99 -1.63
N VAL A 189 -10.48 15.76 -0.35
CA VAL A 189 -11.40 15.11 0.57
C VAL A 189 -11.93 16.20 1.50
N LYS A 190 -13.23 16.45 1.42
CA LYS A 190 -13.84 17.45 2.30
C LYS A 190 -13.79 16.95 3.75
N PRO A 191 -13.46 17.82 4.71
CA PRO A 191 -13.49 17.37 6.12
C PRO A 191 -14.86 16.83 6.44
N ALA A 192 -14.88 15.74 7.19
CA ALA A 192 -16.14 15.10 7.53
C ALA A 192 -16.73 15.65 8.81
N VAL A 193 -15.90 16.23 9.67
CA VAL A 193 -16.31 16.68 10.98
C VAL A 193 -15.56 17.95 11.31
N ASN A 194 -16.25 18.88 11.98
CA ASN A 194 -15.64 20.04 12.62
C ASN A 194 -16.00 19.92 14.09
N GLN A 195 -15.02 19.56 14.92
CA GLN A 195 -15.26 19.48 16.35
C GLN A 195 -15.01 20.86 16.98
N ILE A 196 -16.06 21.44 17.58
CA ILE A 196 -16.02 22.80 18.12
C ILE A 196 -16.72 22.82 19.47
N GLU A 197 -16.52 23.92 20.19
CA GLU A 197 -17.22 24.14 21.45
C GLU A 197 -18.68 24.47 21.14
N ILE A 198 -19.61 23.69 21.71
CA ILE A 198 -21.04 23.96 21.52
C ILE A 198 -21.80 23.55 22.76
N HIS A 199 -22.56 24.50 23.33
CA HIS A 199 -23.41 24.34 24.51
C HIS A 199 -24.37 25.54 24.61
N PRO A 200 -25.29 25.55 25.57
CA PRO A 200 -26.25 26.68 25.66
C PRO A 200 -25.60 28.05 25.88
N TYR A 201 -24.45 28.12 26.53
CA TYR A 201 -23.80 29.43 26.65
C TYR A 201 -22.99 29.78 25.42
N LEU A 202 -22.80 28.85 24.48
CA LEU A 202 -22.12 29.15 23.23
C LEU A 202 -22.78 28.35 22.11
N PRO A 203 -24.00 28.75 21.71
CA PRO A 203 -24.76 27.92 20.76
C PRO A 203 -24.06 27.74 19.42
N ASN A 204 -23.19 28.68 19.04
CA ASN A 204 -22.39 28.54 17.84
C ASN A 204 -23.27 28.24 16.62
N GLU A 205 -24.45 28.88 16.58
CA GLU A 205 -25.47 28.47 15.62
C GLU A 205 -25.06 28.76 14.18
N GLU A 206 -24.46 29.93 13.93
CA GLU A 206 -24.09 30.25 12.56
C GLU A 206 -23.06 29.27 12.00
N LEU A 207 -22.08 28.85 12.82
CA LEU A 207 -21.13 27.84 12.36
C LEU A 207 -21.79 26.47 12.26
N VAL A 208 -22.64 26.13 13.23
CA VAL A 208 -23.32 24.83 13.16
C VAL A 208 -24.16 24.74 11.91
N ARG A 209 -24.89 25.81 11.60
CA ARG A 209 -25.69 25.88 10.39
C ARG A 209 -24.83 25.74 9.14
N PHE A 210 -23.70 26.47 9.11
CA PHE A 210 -22.88 26.45 7.91
C PHE A 210 -22.32 25.06 7.67
N CYS A 211 -21.92 24.37 8.75
CA CYS A 211 -21.41 23.02 8.61
C CYS A 211 -22.48 22.08 8.06
N LEU A 212 -23.66 22.06 8.72
CA LEU A 212 -24.75 21.19 8.27
C LEU A 212 -25.10 21.45 6.81
N ASP A 213 -25.22 22.73 6.42
CA ASP A 213 -25.47 23.13 5.03
C ASP A 213 -24.32 22.77 4.10
N ASN A 214 -23.22 22.24 4.61
CA ASN A 214 -22.09 21.96 3.75
C ASN A 214 -21.55 20.56 3.92
N ASP A 215 -22.32 19.65 4.49
CA ASP A 215 -21.91 18.25 4.53
C ASP A 215 -20.79 17.98 5.52
N VAL A 216 -20.46 18.96 6.36
CA VAL A 216 -19.57 18.78 7.50
C VAL A 216 -20.43 18.61 8.74
N LEU A 217 -20.23 17.53 9.47
CA LEU A 217 -20.97 17.30 10.70
C LEU A 217 -20.25 17.93 11.90
N PRO A 218 -20.88 18.84 12.64
CA PRO A 218 -20.26 19.30 13.89
C PRO A 218 -20.22 18.20 14.93
N SER A 219 -19.22 18.25 15.81
CA SER A 219 -19.30 17.59 17.10
C SER A 219 -18.90 18.57 18.18
N ALA A 220 -19.55 18.43 19.32
CA ALA A 220 -19.50 19.40 20.39
C ALA A 220 -18.53 18.91 21.44
N TYR A 221 -17.43 19.62 21.62
CA TYR A 221 -16.75 19.47 22.89
C TYR A 221 -17.32 20.47 23.88
N SER A 222 -17.04 20.23 25.16
CA SER A 222 -17.65 20.95 26.27
C SER A 222 -19.18 21.09 26.12
N PRO A 223 -19.88 20.01 25.74
CA PRO A 223 -21.35 20.11 25.59
C PRO A 223 -22.08 20.47 26.88
N LEU A 224 -21.51 20.13 28.03
CA LEU A 224 -22.09 20.56 29.30
C LEU A 224 -21.66 21.96 29.71
N GLY A 225 -20.90 22.66 28.87
CA GLY A 225 -20.31 23.92 29.30
C GLY A 225 -19.32 23.48 30.36
N SER A 226 -18.22 24.13 30.60
CA SER A 226 -17.49 23.49 31.68
C SER A 226 -17.99 24.07 33.01
N GLN A 227 -17.59 23.43 34.10
CA GLN A 227 -17.77 24.02 35.42
C GLN A 227 -16.83 25.19 35.64
N ASP A 228 -16.26 25.67 34.52
CA ASP A 228 -15.25 26.73 34.51
C ASP A 228 -15.79 28.08 35.01
N GLN A 229 -17.10 28.26 35.14
CA GLN A 229 -17.57 29.47 35.83
C GLN A 229 -17.32 30.80 35.11
N VAL A 230 -18.24 31.23 34.25
CA VAL A 230 -18.14 32.40 33.38
C VAL A 230 -17.32 33.53 34.02
N PRO A 231 -16.24 33.98 33.36
CA PRO A 231 -15.26 34.84 34.06
C PRO A 231 -15.73 36.26 34.32
N THR A 232 -16.50 36.86 33.39
CA THR A 232 -16.95 38.23 33.60
C THR A 232 -18.19 38.32 34.48
N THR A 233 -18.85 37.21 34.78
CA THR A 233 -20.07 37.25 35.58
C THR A 233 -20.04 36.31 36.78
N GLY A 234 -19.18 35.29 36.79
CA GLY A 234 -19.16 34.32 37.88
C GLY A 234 -20.41 33.48 37.99
N GLU A 235 -20.90 32.98 36.87
CA GLU A 235 -22.05 32.07 36.86
C GLU A 235 -21.67 30.78 36.15
N ARG A 236 -22.22 29.66 36.62
CA ARG A 236 -21.92 28.37 36.02
C ARG A 236 -23.10 27.91 35.16
N VAL A 237 -22.78 27.29 34.02
CA VAL A 237 -23.81 26.74 33.16
C VAL A 237 -24.71 25.79 33.95
N ARG A 238 -24.12 24.97 34.81
CA ARG A 238 -24.89 23.98 35.53
C ARG A 238 -25.64 24.57 36.73
N ASP A 239 -25.44 25.86 37.02
CA ASP A 239 -26.28 26.56 37.98
C ASP A 239 -27.41 27.35 37.34
N ASP A 240 -27.50 27.37 36.02
CA ASP A 240 -28.44 28.24 35.35
C ASP A 240 -29.87 27.82 35.68
N PRO A 241 -30.70 28.72 36.24
CA PRO A 241 -32.05 28.31 36.67
C PRO A 241 -32.93 27.87 35.52
N GLY A 242 -32.90 28.59 34.39
CA GLY A 242 -33.68 28.18 33.24
C GLY A 242 -33.34 26.78 32.77
N LEU A 243 -32.04 26.47 32.65
CA LEU A 243 -31.64 25.11 32.27
C LEU A 243 -32.09 24.11 33.31
N ASN A 244 -31.91 24.42 34.59
CA ASN A 244 -32.31 23.45 35.61
C ASN A 244 -33.83 23.25 35.63
N ALA A 245 -34.62 24.26 35.25
CA ALA A 245 -36.06 24.13 35.32
C ALA A 245 -36.56 23.11 34.32
N VAL A 246 -36.05 23.17 33.09
CA VAL A 246 -36.38 22.17 32.07
C VAL A 246 -36.00 20.77 32.53
N ALA A 247 -34.82 20.59 33.11
CA ALA A 247 -34.42 19.25 33.55
C ALA A 247 -35.32 18.77 34.67
N ASN A 248 -35.55 19.62 35.67
CA ASN A 248 -36.35 19.21 36.82
C ASN A 248 -37.79 18.89 36.42
N ARG A 249 -38.40 19.69 35.55
CA ARG A 249 -39.79 19.42 35.22
C ARG A 249 -39.95 18.09 34.51
N SER A 250 -38.87 17.52 33.95
CA SER A 250 -38.93 16.28 33.17
C SER A 250 -38.20 15.12 33.81
N ASN A 251 -37.84 15.23 35.09
CA ASN A 251 -37.21 14.13 35.81
C ASN A 251 -36.01 13.55 35.03
N MET A 252 -35.11 14.45 34.64
CA MET A 252 -33.84 14.14 33.99
C MET A 252 -32.75 15.02 34.60
N THR A 253 -31.49 14.62 34.47
CA THR A 253 -30.44 15.49 35.00
C THR A 253 -30.21 16.67 34.07
N LEU A 254 -29.55 17.70 34.62
CA LEU A 254 -29.19 18.88 33.84
C LEU A 254 -28.31 18.48 32.67
N ALA A 255 -27.28 17.68 32.94
CA ALA A 255 -26.39 17.17 31.89
C ALA A 255 -27.14 16.42 30.79
N GLN A 256 -28.07 15.55 31.17
CA GLN A 256 -28.83 14.83 30.14
C GLN A 256 -29.65 15.79 29.28
N ALA A 257 -30.24 16.81 29.89
CA ALA A 257 -30.98 17.79 29.09
C ALA A 257 -30.04 18.52 28.13
N LEU A 258 -28.84 18.91 28.58
CA LEU A 258 -27.90 19.59 27.69
C LEU A 258 -27.43 18.66 26.59
N LEU A 259 -27.12 17.40 26.91
CA LEU A 259 -26.71 16.48 25.85
C LEU A 259 -27.86 16.20 24.88
N GLY A 260 -29.08 16.05 25.40
CA GLY A 260 -30.23 15.83 24.52
C GLY A 260 -30.49 17.01 23.60
N TRP A 261 -30.27 18.22 24.12
CA TRP A 261 -30.38 19.42 23.29
C TRP A 261 -29.42 19.36 22.11
N GLY A 262 -28.17 18.98 22.38
CA GLY A 262 -27.18 18.96 21.30
C GLY A 262 -27.52 17.96 20.21
N VAL A 263 -27.81 16.72 20.61
CA VAL A 263 -28.13 15.71 19.59
C VAL A 263 -29.38 16.14 18.82
N LYS A 264 -30.35 16.72 19.51
CA LYS A 264 -31.56 17.16 18.81
C LYS A 264 -31.25 18.23 17.77
N ARG A 265 -30.27 19.10 18.04
CA ARG A 265 -29.89 20.05 16.99
C ARG A 265 -29.31 19.36 15.77
N GLY A 266 -28.86 18.10 15.93
CA GLY A 266 -28.28 17.31 14.86
C GLY A 266 -26.76 17.15 14.83
N TYR A 267 -26.07 17.09 15.98
CA TYR A 267 -24.61 16.94 16.01
C TYR A 267 -24.19 16.05 17.17
N VAL A 268 -22.94 15.63 17.11
CA VAL A 268 -22.35 14.74 18.09
C VAL A 268 -22.06 15.51 19.36
N VAL A 269 -22.10 14.84 20.49
CA VAL A 269 -21.84 15.48 21.77
C VAL A 269 -20.80 14.64 22.48
N LEU A 270 -19.83 15.29 23.11
CA LEU A 270 -18.69 14.59 23.69
C LEU A 270 -18.53 14.96 25.16
N PRO A 271 -19.45 14.51 26.01
CA PRO A 271 -19.30 14.77 27.44
C PRO A 271 -18.07 14.08 28.01
N LYS A 272 -17.35 14.79 28.87
CA LYS A 272 -16.22 14.25 29.62
C LYS A 272 -16.54 14.13 31.10
N SER A 273 -16.15 13.02 31.71
CA SER A 273 -16.11 12.95 33.17
C SER A 273 -15.06 11.94 33.62
N SER A 274 -14.59 12.12 34.85
CA SER A 274 -13.71 11.17 35.53
C SER A 274 -14.46 10.36 36.56
N THR A 275 -15.69 10.77 36.86
CA THR A 275 -16.47 10.22 37.95
C THR A 275 -17.35 9.11 37.40
N PRO A 276 -17.24 7.87 37.91
CA PRO A 276 -18.09 6.77 37.40
C PRO A 276 -19.57 7.13 37.34
N SER A 277 -20.13 7.65 38.44
CA SER A 277 -21.54 8.00 38.46
C SER A 277 -21.90 8.90 37.28
N ARG A 278 -21.03 9.85 36.94
CA ARG A 278 -21.34 10.76 35.84
C ARG A 278 -21.09 10.12 34.50
N ILE A 279 -20.03 9.32 34.38
CA ILE A 279 -19.83 8.58 33.14
C ILE A 279 -21.10 7.77 32.80
N LYS A 280 -21.59 6.99 33.77
CA LYS A 280 -22.80 6.17 33.55
C LYS A 280 -23.99 7.04 33.19
N SER A 281 -24.20 8.13 33.93
CA SER A 281 -25.41 8.92 33.76
C SER A 281 -25.45 9.59 32.40
N ASN A 282 -24.30 10.08 31.93
CA ASN A 282 -24.22 10.85 30.70
C ASN A 282 -24.47 10.01 29.46
N ILE A 283 -24.42 8.67 29.55
CA ILE A 283 -24.73 7.88 28.35
C ILE A 283 -26.24 7.78 28.15
N GLU A 284 -27.03 8.21 29.13
CA GLU A 284 -28.49 8.13 29.08
C GLU A 284 -29.03 9.45 28.53
N VAL A 285 -28.99 9.58 27.22
CA VAL A 285 -29.36 10.84 26.56
C VAL A 285 -30.82 10.75 26.11
N PRO A 286 -31.70 11.60 26.62
CA PRO A 286 -33.12 11.51 26.25
C PRO A 286 -33.40 12.17 24.90
N ASP A 287 -34.50 11.73 24.30
CA ASP A 287 -35.06 12.36 23.11
C ASP A 287 -36.02 13.45 23.58
N LEU A 288 -35.60 14.70 23.51
CA LEU A 288 -36.29 15.77 24.21
C LEU A 288 -37.65 16.06 23.59
N SER A 289 -38.64 16.37 24.44
CA SER A 289 -39.89 16.89 23.93
C SER A 289 -39.67 18.24 23.28
N GLU A 290 -40.67 18.65 22.48
CA GLU A 290 -40.63 19.94 21.81
C GLU A 290 -40.59 21.11 22.79
N ALA A 291 -41.35 21.04 23.89
CA ALA A 291 -41.35 22.11 24.88
C ALA A 291 -39.99 22.23 25.57
N ASP A 292 -39.40 21.09 25.96
CA ASP A 292 -38.09 21.12 26.61
C ASP A 292 -37.04 21.69 25.67
N TYR A 293 -37.04 21.22 24.43
CA TYR A 293 -36.07 21.68 23.45
C TYR A 293 -36.16 23.19 23.27
N GLN A 294 -37.38 23.70 23.09
CA GLN A 294 -37.59 25.12 22.86
C GLN A 294 -37.18 25.94 24.07
N ASP A 295 -37.51 25.48 25.28
CA ASP A 295 -37.19 26.25 26.47
C ASP A 295 -35.69 26.31 26.71
N LEU A 296 -34.95 25.23 26.41
CA LEU A 296 -33.50 25.33 26.50
C LEU A 296 -32.99 26.36 25.51
N TRP A 297 -33.54 26.36 24.30
CA TRP A 297 -33.17 27.37 23.32
C TRP A 297 -33.43 28.78 23.85
N LYS A 298 -34.54 28.96 24.59
CA LYS A 298 -34.84 30.26 25.17
C LYS A 298 -33.71 30.73 26.08
N VAL A 299 -33.18 29.82 26.91
CA VAL A 299 -32.04 30.21 27.72
C VAL A 299 -30.86 30.61 26.83
N ALA A 300 -30.52 29.76 25.87
CA ALA A 300 -29.39 30.09 25.01
C ALA A 300 -29.60 31.42 24.31
N ASN A 301 -30.81 31.68 23.82
CA ASN A 301 -31.04 32.90 23.06
C ASN A 301 -31.19 34.14 23.93
N GLY A 302 -31.29 33.99 25.25
CA GLY A 302 -31.55 35.13 26.10
C GLY A 302 -30.29 35.73 26.70
N ARG A 303 -29.12 35.39 26.15
CA ARG A 303 -27.87 35.85 26.75
C ARG A 303 -26.79 36.01 25.70
N LYS A 304 -25.76 36.75 26.08
CA LYS A 304 -24.54 36.99 25.32
C LYS A 304 -23.66 35.75 25.33
N PRO A 305 -23.14 35.31 24.17
CA PRO A 305 -22.33 34.08 24.13
C PRO A 305 -21.04 34.21 24.92
N THR A 306 -20.62 33.09 25.52
CA THR A 306 -19.40 33.08 26.32
C THR A 306 -18.61 31.82 25.99
N ARG A 307 -17.45 32.02 25.35
CA ARG A 307 -16.55 30.96 24.92
C ARG A 307 -15.63 30.59 26.07
N PHE A 308 -15.72 29.36 26.56
CA PHE A 308 -14.86 28.94 27.66
C PHE A 308 -13.48 28.48 27.23
N VAL A 309 -13.29 28.01 25.99
CA VAL A 309 -12.00 27.47 25.56
C VAL A 309 -11.39 28.44 24.55
N ASP A 310 -10.42 29.23 25.02
CA ASP A 310 -9.71 30.18 24.16
C ASP A 310 -8.26 30.20 24.63
N MET A 311 -7.36 29.59 23.86
CA MET A 311 -5.98 29.41 24.29
C MET A 311 -5.07 30.53 23.76
N LYS A 312 -5.67 31.64 23.36
CA LYS A 312 -5.00 32.88 22.99
C LYS A 312 -3.70 33.09 23.74
N ASP A 313 -3.77 33.07 25.07
CA ASP A 313 -2.60 33.48 25.84
C ASP A 313 -1.49 32.44 25.78
N THR A 314 -1.84 31.18 25.59
CA THR A 314 -0.85 30.13 25.45
C THR A 314 -0.22 30.16 24.06
N PHE A 315 -1.06 30.28 23.04
CA PHE A 315 -0.58 30.19 21.67
C PHE A 315 0.17 31.44 21.25
N GLY A 316 -0.12 32.58 21.85
CA GLY A 316 0.34 33.81 21.25
C GLY A 316 -0.23 33.98 19.86
N TYR A 317 -1.52 33.64 19.70
CA TYR A 317 -2.23 33.70 18.44
C TYR A 317 -3.72 33.77 18.73
N ASP A 318 -4.42 34.74 18.12
CA ASP A 318 -5.81 35.06 18.45
C ASP A 318 -6.70 34.59 17.29
N LEU A 319 -7.23 33.36 17.39
CA LEU A 319 -8.07 32.82 16.33
C LEU A 319 -9.40 33.56 16.23
N TRP A 320 -10.08 33.76 17.34
CA TRP A 320 -11.46 34.25 17.27
C TRP A 320 -11.60 35.76 17.42
N LYS A 321 -10.52 36.49 17.69
CA LYS A 321 -10.52 37.96 17.76
C LYS A 321 -11.75 38.47 18.52
N GLU A 322 -11.84 38.06 19.78
CA GLU A 322 -12.91 38.49 20.69
C GLU A 322 -12.34 39.36 21.80
N SER A 323 -13.08 40.40 22.18
CA SER A 323 -12.60 41.40 23.11
C SER A 323 -13.68 41.72 24.14
N GLN A 324 -13.29 42.51 25.14
CA GLN A 324 -14.25 42.95 26.16
C GLN A 324 -15.34 43.81 25.53
N LEU A 325 -14.94 44.82 24.76
CA LEU A 325 -15.84 45.73 24.08
C LEU A 325 -16.15 45.21 22.67
N GLU A 326 -16.70 46.08 21.83
CA GLU A 326 -16.76 45.82 20.38
C GLU A 326 -17.86 44.81 20.05
N THR B 5 43.62 -9.44 -13.99
CA THR B 5 42.29 -9.72 -13.43
C THR B 5 42.28 -9.56 -11.90
N LEU B 6 41.20 -9.02 -11.37
CA LEU B 6 41.09 -8.77 -9.94
C LEU B 6 40.13 -9.75 -9.25
N ALA B 7 39.91 -10.94 -9.86
CA ALA B 7 39.03 -11.94 -9.26
C ALA B 7 39.43 -12.28 -7.82
N ASN B 8 40.73 -12.25 -7.51
CA ASN B 8 41.25 -12.63 -6.21
C ASN B 8 41.63 -11.44 -5.32
N LYS B 9 41.39 -10.22 -5.78
CA LYS B 9 41.70 -9.04 -4.98
C LYS B 9 40.87 -9.02 -3.70
N THR B 10 41.48 -8.56 -2.60
CA THR B 10 40.78 -8.38 -1.34
C THR B 10 41.03 -6.97 -0.82
N PHE B 11 40.14 -6.53 0.07
CA PHE B 11 40.26 -5.31 0.86
C PHE B 11 40.41 -5.69 2.33
N LYS B 12 40.96 -4.76 3.10
CA LYS B 12 41.17 -5.00 4.53
C LYS B 12 40.20 -4.15 5.31
N LEU B 13 39.31 -4.80 6.06
CA LEU B 13 38.35 -4.08 6.87
C LEU B 13 39.06 -3.40 8.04
N ASN B 14 38.35 -2.45 8.66
CA ASN B 14 38.92 -1.60 9.70
C ASN B 14 39.28 -2.37 10.96
N ASN B 15 38.96 -3.66 11.05
CA ASN B 15 39.38 -4.49 12.16
C ASN B 15 40.35 -5.59 11.72
N GLY B 16 40.90 -5.49 10.51
CA GLY B 16 41.87 -6.46 10.04
C GLY B 16 41.31 -7.63 9.26
N VAL B 17 39.99 -7.80 9.21
CA VAL B 17 39.41 -8.89 8.43
C VAL B 17 39.55 -8.56 6.95
N GLU B 18 40.03 -9.53 6.18
CA GLU B 18 40.12 -9.37 4.73
C GLU B 18 38.84 -9.84 4.05
N ILE B 19 38.34 -9.04 3.12
CA ILE B 19 37.13 -9.39 2.38
C ILE B 19 37.40 -9.42 0.88
N PRO B 20 37.02 -10.49 0.18
CA PRO B 20 37.20 -10.50 -1.28
C PRO B 20 36.44 -9.36 -1.96
N ALA B 21 37.11 -8.74 -2.92
CA ALA B 21 36.52 -7.64 -3.68
C ALA B 21 35.32 -8.06 -4.51
N VAL B 22 35.22 -9.33 -4.90
CA VAL B 22 34.09 -9.80 -5.68
C VAL B 22 33.37 -10.84 -4.86
N GLY B 23 32.07 -10.62 -4.67
CA GLY B 23 31.22 -11.58 -3.97
C GLY B 23 30.06 -12.03 -4.84
N PHE B 24 29.46 -13.16 -4.49
CA PHE B 24 28.29 -13.64 -5.21
C PHE B 24 27.03 -13.23 -4.46
N GLY B 25 26.15 -12.47 -5.13
CA GLY B 25 24.86 -12.14 -4.57
C GLY B 25 23.86 -13.27 -4.70
N THR B 26 23.34 -13.78 -3.58
CA THR B 26 22.48 -14.95 -3.59
C THR B 26 21.00 -14.60 -3.63
N PHE B 27 20.64 -13.32 -3.65
CA PHE B 27 19.26 -12.91 -3.41
C PHE B 27 18.26 -13.59 -4.36
N ALA B 28 16.97 -13.52 -3.96
CA ALA B 28 15.81 -13.84 -4.79
C ALA B 28 15.61 -15.31 -5.16
N ALA B 29 15.07 -16.12 -4.25
CA ALA B 29 14.64 -17.46 -4.65
C ALA B 29 13.41 -17.45 -5.55
N GLU B 30 13.63 -17.27 -6.86
CA GLU B 30 12.56 -17.14 -7.83
C GLU B 30 11.88 -18.48 -8.11
N GLY B 31 11.03 -18.47 -9.15
CA GLY B 31 10.81 -19.64 -9.95
C GLY B 31 10.36 -20.84 -9.14
N GLN B 32 11.30 -21.76 -8.94
CA GLN B 32 11.09 -22.95 -8.12
C GLN B 32 12.24 -23.09 -7.13
N PRO B 33 12.05 -23.85 -6.08
CA PRO B 33 13.15 -24.25 -5.22
C PRO B 33 14.29 -24.85 -6.03
N GLY B 34 15.46 -24.92 -5.41
CA GLY B 34 16.65 -25.52 -5.98
C GLY B 34 17.57 -24.56 -6.69
N GLN B 35 17.06 -23.44 -7.18
CA GLN B 35 17.87 -22.53 -7.98
C GLN B 35 18.93 -21.83 -7.16
N THR B 36 18.67 -21.51 -5.89
CA THR B 36 19.71 -20.92 -5.04
C THR B 36 20.82 -21.93 -4.80
N TYR B 37 20.48 -23.18 -4.51
CA TYR B 37 21.49 -24.23 -4.42
C TYR B 37 22.30 -24.31 -5.70
N ALA B 38 21.62 -24.40 -6.85
CA ALA B 38 22.34 -24.49 -8.11
C ALA B 38 23.27 -23.29 -8.32
N ALA B 39 22.78 -22.06 -8.06
CA ALA B 39 23.60 -20.89 -8.33
C ALA B 39 24.82 -20.86 -7.41
N THR B 40 24.59 -21.07 -6.11
CA THR B 40 25.66 -20.93 -5.15
C THR B 40 26.75 -21.94 -5.42
N LYS B 41 26.34 -23.19 -5.67
CA LYS B 41 27.29 -24.22 -6.04
C LYS B 41 28.07 -23.80 -7.28
N ALA B 42 27.36 -23.35 -8.31
CA ALA B 42 28.04 -22.91 -9.51
C ALA B 42 29.02 -21.80 -9.20
N ALA B 43 28.62 -20.85 -8.34
CA ALA B 43 29.48 -19.71 -8.00
C ALA B 43 30.75 -20.18 -7.31
N LEU B 44 30.61 -21.07 -6.32
CA LEU B 44 31.77 -21.61 -5.61
C LEU B 44 32.71 -22.33 -6.58
N GLU B 45 32.14 -23.17 -7.46
CA GLU B 45 32.94 -23.89 -8.43
C GLU B 45 33.59 -22.94 -9.43
N ALA B 46 32.92 -21.82 -9.75
CA ALA B 46 33.54 -20.82 -10.61
C ALA B 46 34.69 -20.10 -9.93
N GLY B 47 34.84 -20.22 -8.61
CA GLY B 47 35.91 -19.58 -7.89
C GLY B 47 35.51 -18.43 -6.98
N TYR B 48 34.24 -18.08 -6.87
CA TYR B 48 33.86 -17.07 -5.88
C TYR B 48 34.19 -17.61 -4.50
N ARG B 49 34.77 -16.77 -3.66
CA ARG B 49 35.06 -17.16 -2.27
C ARG B 49 34.31 -16.26 -1.30
N HIS B 50 33.37 -15.47 -1.81
CA HIS B 50 32.61 -14.54 -1.01
C HIS B 50 31.14 -14.72 -1.39
N LEU B 51 30.31 -15.12 -0.43
CA LEU B 51 28.87 -15.30 -0.63
C LEU B 51 28.09 -14.30 0.21
N ASP B 52 27.22 -13.55 -0.44
CA ASP B 52 26.39 -12.54 0.19
C ASP B 52 24.97 -13.06 0.30
N CYS B 53 24.47 -13.20 1.54
CA CYS B 53 23.18 -13.82 1.83
C CYS B 53 22.38 -12.92 2.75
N ALA B 54 21.10 -13.29 2.95
CA ALA B 54 20.24 -12.53 3.85
C ALA B 54 19.12 -13.42 4.36
N TRP B 55 18.82 -13.28 5.66
CA TRP B 55 17.67 -13.94 6.24
C TRP B 55 16.41 -13.62 5.44
N PHE B 56 16.32 -12.43 4.88
CA PHE B 56 15.07 -12.00 4.24
C PHE B 56 14.68 -12.92 3.09
N TYR B 57 15.65 -13.42 2.34
CA TYR B 57 15.32 -14.17 1.14
C TYR B 57 14.93 -15.61 1.44
N GLN B 58 15.03 -16.04 2.69
CA GLN B 58 14.53 -17.34 3.12
C GLN B 58 15.10 -18.49 2.29
N ASN B 59 16.34 -18.37 1.86
CA ASN B 59 16.99 -19.37 1.03
C ASN B 59 18.36 -19.77 1.57
N GLU B 60 18.62 -19.50 2.84
CA GLU B 60 19.92 -19.82 3.41
C GLU B 60 20.09 -21.31 3.66
N ASP B 61 19.00 -22.09 3.71
CA ASP B 61 19.20 -23.53 3.83
C ASP B 61 19.80 -24.11 2.55
N GLU B 62 19.32 -23.65 1.38
CA GLU B 62 19.91 -24.08 0.11
C GLU B 62 21.35 -23.62 -0.02
N ILE B 63 21.66 -22.40 0.44
CA ILE B 63 23.03 -21.91 0.44
C ILE B 63 23.91 -22.81 1.28
N GLY B 64 23.44 -23.19 2.48
CA GLY B 64 24.22 -24.04 3.35
C GLY B 64 24.54 -25.38 2.72
N ASN B 65 23.54 -26.01 2.09
CA ASN B 65 23.75 -27.28 1.39
C ASN B 65 24.76 -27.12 0.26
N ALA B 66 24.67 -26.03 -0.50
CA ALA B 66 25.66 -25.79 -1.54
C ALA B 66 27.06 -25.71 -0.95
N ILE B 67 27.23 -24.93 0.12
CA ILE B 67 28.56 -24.82 0.73
C ILE B 67 29.04 -26.19 1.20
N ALA B 68 28.18 -26.90 1.91
CA ALA B 68 28.59 -28.20 2.45
C ALA B 68 28.99 -29.13 1.32
N ASP B 69 28.19 -29.17 0.26
CA ASP B 69 28.49 -30.06 -0.85
C ASP B 69 29.77 -29.67 -1.56
N PHE B 70 29.96 -28.36 -1.77
CA PHE B 70 31.20 -27.91 -2.39
C PHE B 70 32.41 -28.26 -1.53
N LEU B 71 32.30 -28.05 -0.21
CA LEU B 71 33.47 -28.28 0.62
C LEU B 71 33.81 -29.76 0.68
N LYS B 72 32.80 -30.63 0.75
CA LYS B 72 33.11 -32.05 0.76
C LYS B 72 33.69 -32.50 -0.57
N GLU B 73 33.24 -31.91 -1.67
CA GLU B 73 33.76 -32.30 -2.97
C GLU B 73 35.08 -31.63 -3.33
N ASN B 74 35.53 -30.64 -2.57
CA ASN B 74 36.79 -29.94 -2.85
C ASN B 74 37.61 -29.84 -1.57
N PRO B 75 38.29 -30.93 -1.19
CA PRO B 75 39.01 -30.92 0.08
C PRO B 75 40.01 -29.78 0.20
N SER B 76 40.58 -29.29 -0.90
CA SER B 76 41.61 -28.27 -0.80
C SER B 76 41.05 -26.94 -0.25
N VAL B 77 39.75 -26.73 -0.30
CA VAL B 77 39.12 -25.50 0.22
C VAL B 77 38.52 -25.80 1.59
N LYS B 78 38.78 -24.92 2.55
CA LYS B 78 38.23 -25.02 3.89
C LYS B 78 37.21 -23.92 4.09
N ARG B 79 36.45 -24.05 5.17
CA ARG B 79 35.48 -23.00 5.50
C ARG B 79 36.18 -21.66 5.70
N GLU B 80 37.40 -21.68 6.26
CA GLU B 80 38.18 -20.47 6.45
C GLU B 80 38.60 -19.83 5.14
N ASP B 81 38.50 -20.55 4.03
CA ASP B 81 38.74 -19.97 2.71
C ASP B 81 37.52 -19.24 2.15
N LEU B 82 36.35 -19.38 2.78
CA LEU B 82 35.13 -18.71 2.33
C LEU B 82 34.81 -17.49 3.20
N PHE B 83 34.31 -16.44 2.57
CA PHE B 83 33.82 -15.26 3.28
C PHE B 83 32.28 -15.22 3.14
N ILE B 84 31.58 -15.39 4.27
CA ILE B 84 30.13 -15.54 4.28
C ILE B 84 29.51 -14.34 4.99
N CYS B 85 28.56 -13.68 4.31
CA CYS B 85 27.83 -12.57 4.87
C CYS B 85 26.33 -12.86 4.90
N THR B 86 25.68 -12.53 6.02
CA THR B 86 24.22 -12.55 6.10
C THR B 86 23.77 -11.33 6.88
N LYS B 87 22.45 -11.14 6.96
CA LYS B 87 21.90 -9.88 7.44
C LYS B 87 20.61 -10.15 8.21
N VAL B 88 20.27 -9.21 9.10
CA VAL B 88 19.05 -9.29 9.91
C VAL B 88 18.02 -8.34 9.34
N TRP B 89 16.78 -8.81 9.21
CA TRP B 89 15.74 -8.05 8.53
C TRP B 89 15.05 -7.06 9.49
N ASN B 90 14.25 -6.16 8.91
CA ASN B 90 13.80 -4.95 9.61
C ASN B 90 12.92 -5.23 10.83
N HIS B 91 12.24 -6.37 10.87
CA HIS B 91 11.31 -6.59 11.98
C HIS B 91 11.97 -7.25 13.16
N MET B 92 13.29 -7.46 13.08
CA MET B 92 14.04 -8.17 14.09
C MET B 92 15.14 -7.29 14.69
N HIS B 93 14.92 -5.98 14.74
CA HIS B 93 15.94 -5.08 15.30
C HIS B 93 15.99 -5.09 16.81
N ALA B 94 14.99 -5.63 17.50
CA ALA B 94 15.05 -5.68 18.96
C ALA B 94 16.22 -6.56 19.37
N PRO B 95 16.94 -6.20 20.45
CA PRO B 95 18.25 -6.82 20.71
C PRO B 95 18.23 -8.35 20.73
N GLU B 96 17.22 -8.94 21.34
CA GLU B 96 17.07 -10.39 21.41
C GLU B 96 16.73 -10.97 20.05
N ASP B 97 15.99 -10.22 19.24
CA ASP B 97 15.62 -10.69 17.90
C ASP B 97 16.83 -10.67 16.96
N VAL B 98 17.74 -9.70 17.15
CA VAL B 98 18.99 -9.66 16.39
C VAL B 98 19.75 -10.97 16.59
N LYS B 99 19.93 -11.35 17.85
CA LYS B 99 20.68 -12.56 18.14
C LYS B 99 19.94 -13.79 17.65
N TRP B 100 18.61 -13.79 17.76
CA TRP B 100 17.83 -14.88 17.19
C TRP B 100 18.09 -15.00 15.70
N SER B 101 18.05 -13.88 14.99
CA SER B 101 18.18 -13.91 13.54
C SER B 101 19.51 -14.53 13.12
N LEU B 102 20.62 -14.11 13.73
CA LEU B 102 21.92 -14.67 13.37
C LEU B 102 21.96 -16.17 13.64
N ASP B 103 21.48 -16.58 14.82
CA ASP B 103 21.50 -18.00 15.15
C ASP B 103 20.62 -18.80 14.19
N ASN B 104 19.47 -18.25 13.82
CA ASN B 104 18.64 -18.88 12.80
C ASN B 104 19.42 -19.02 11.49
N SER B 105 20.08 -17.95 11.05
CA SER B 105 20.85 -18.00 9.81
C SER B 105 21.96 -19.05 9.90
N LEU B 106 22.71 -19.06 11.01
CA LEU B 106 23.82 -19.99 11.15
C LEU B 106 23.31 -21.42 11.07
N LYS B 107 22.20 -21.69 11.75
CA LYS B 107 21.57 -23.00 11.67
C LYS B 107 21.30 -23.38 10.21
N ALA B 108 20.63 -22.49 9.47
CA ALA B 108 20.37 -22.77 8.06
C ALA B 108 21.66 -22.90 7.26
N LEU B 109 22.61 -22.02 7.52
CA LEU B 109 23.86 -22.05 6.77
C LEU B 109 24.75 -23.23 7.17
N ARG B 110 24.48 -23.85 8.30
CA ARG B 110 25.34 -24.92 8.81
C ARG B 110 26.75 -24.41 9.13
N LEU B 111 26.84 -23.18 9.66
CA LEU B 111 28.10 -22.56 10.03
C LEU B 111 28.12 -22.28 11.52
N ASP B 112 29.32 -22.33 12.11
CA ASP B 112 29.49 -21.85 13.49
C ASP B 112 29.51 -20.34 13.57
N TYR B 113 29.87 -19.66 12.48
CA TYR B 113 30.02 -18.23 12.52
C TYR B 113 29.90 -17.72 11.09
N VAL B 114 29.59 -16.44 10.97
CA VAL B 114 29.64 -15.77 9.69
C VAL B 114 30.85 -14.84 9.70
N ASP B 115 31.30 -14.47 8.51
CA ASP B 115 32.42 -13.54 8.47
C ASP B 115 31.94 -12.10 8.59
N LEU B 116 30.78 -11.79 8.01
CA LEU B 116 30.21 -10.45 8.05
C LEU B 116 28.73 -10.55 8.39
N PHE B 117 28.29 -9.74 9.35
CA PHE B 117 26.89 -9.64 9.73
C PHE B 117 26.49 -8.17 9.68
N LEU B 118 25.38 -7.89 8.97
CA LEU B 118 24.95 -6.54 8.65
C LEU B 118 23.51 -6.31 9.09
N VAL B 119 23.22 -5.05 9.45
CA VAL B 119 21.83 -4.61 9.58
C VAL B 119 21.33 -4.27 8.18
N HIS B 120 20.27 -4.96 7.74
CA HIS B 120 19.90 -4.88 6.34
C HIS B 120 19.40 -3.49 5.96
N TRP B 121 18.67 -2.83 6.87
CA TRP B 121 18.12 -1.50 6.63
C TRP B 121 18.14 -0.73 7.94
N PRO B 122 18.29 0.60 7.90
CA PRO B 122 18.20 1.39 9.13
C PRO B 122 16.74 1.70 9.47
N ILE B 123 15.88 0.71 9.31
CA ILE B 123 14.43 0.85 9.46
C ILE B 123 13.95 -0.32 10.32
N ALA B 124 13.48 -0.01 11.52
CA ALA B 124 12.96 -1.03 12.41
C ALA B 124 11.44 -1.10 12.22
N ALA B 125 10.94 -2.32 11.99
CA ALA B 125 9.51 -2.57 11.86
C ALA B 125 9.04 -3.43 13.01
N GLU B 126 7.77 -3.28 13.35
CA GLU B 126 7.13 -4.18 14.30
C GLU B 126 7.01 -5.60 13.73
N ARG B 127 7.05 -6.57 14.61
CA ARG B 127 6.92 -7.97 14.22
C ARG B 127 5.73 -8.61 14.92
N THR B 128 5.23 -9.68 14.32
CA THR B 128 4.18 -10.47 14.94
C THR B 128 4.77 -11.50 15.90
N GLU B 129 3.86 -12.18 16.59
CA GLU B 129 4.24 -13.18 17.57
C GLU B 129 5.11 -14.27 16.95
N ASP B 130 4.83 -14.66 15.70
CA ASP B 130 5.57 -15.73 15.05
C ASP B 130 6.64 -15.22 14.11
N ARG B 131 7.20 -14.04 14.41
CA ARG B 131 8.38 -13.54 13.74
C ARG B 131 8.14 -13.25 12.26
N GLN B 132 6.94 -12.83 11.91
CA GLN B 132 6.69 -12.17 10.64
C GLN B 132 6.58 -10.66 10.82
N VAL B 133 6.70 -9.94 9.70
CA VAL B 133 6.53 -8.49 9.72
C VAL B 133 5.08 -8.14 9.95
N LYS B 134 4.83 -7.22 10.89
CA LYS B 134 3.47 -6.73 11.09
C LYS B 134 3.12 -5.75 9.98
N LEU B 135 1.91 -5.88 9.44
CA LEU B 135 1.44 -5.04 8.34
C LEU B 135 0.27 -4.16 8.79
N GLY B 136 0.20 -2.97 8.22
CA GLY B 136 -0.84 -2.04 8.57
C GLY B 136 -1.98 -2.11 7.58
N PRO B 137 -3.02 -1.30 7.81
CA PRO B 137 -4.20 -1.34 6.93
C PRO B 137 -3.91 -0.94 5.50
N ASP B 138 -2.75 -0.39 5.20
CA ASP B 138 -2.37 -0.12 3.83
C ASP B 138 -1.63 -1.28 3.19
N GLY B 139 -1.45 -2.38 3.92
CA GLY B 139 -0.62 -3.44 3.43
C GLY B 139 0.87 -3.21 3.55
N LYS B 140 1.31 -2.13 4.21
CA LYS B 140 2.74 -1.86 4.33
C LYS B 140 3.23 -2.19 5.74
N TYR B 141 4.55 -2.15 5.90
CA TYR B 141 5.17 -2.39 7.20
C TYR B 141 4.66 -1.39 8.22
N VAL B 142 4.54 -1.84 9.47
CA VAL B 142 4.29 -0.93 10.57
C VAL B 142 5.64 -0.53 11.16
N ILE B 143 5.94 0.77 11.09
CA ILE B 143 7.26 1.24 11.49
C ILE B 143 7.35 1.33 13.01
N ASN B 144 8.43 0.79 13.56
CA ASN B 144 8.79 0.99 14.95
C ASN B 144 9.62 2.27 15.01
N HIS B 145 8.99 3.39 15.34
CA HIS B 145 9.71 4.65 15.23
C HIS B 145 10.81 4.77 16.27
N GLU B 146 10.59 4.24 17.47
CA GLU B 146 11.61 4.33 18.51
C GLU B 146 12.91 3.60 18.09
N LEU B 147 12.79 2.32 17.73
CA LEU B 147 13.97 1.55 17.35
C LEU B 147 14.59 2.07 16.07
N THR B 148 13.77 2.61 15.17
CA THR B 148 14.30 3.26 13.97
C THR B 148 15.11 4.50 14.33
N GLU B 149 14.58 5.38 15.20
CA GLU B 149 15.25 6.65 15.41
C GLU B 149 16.45 6.53 16.36
N ASN B 150 16.43 5.55 17.27
CA ASN B 150 17.48 5.36 18.27
C ASN B 150 17.96 3.92 18.17
N PRO B 151 18.77 3.61 17.16
CA PRO B 151 19.13 2.21 16.91
C PRO B 151 20.18 1.66 17.86
N GLU B 152 20.61 2.43 18.85
CA GLU B 152 21.71 1.99 19.70
C GLU B 152 21.46 0.62 20.32
N PRO B 153 20.26 0.27 20.77
CA PRO B 153 20.05 -1.13 21.22
C PRO B 153 20.36 -2.16 20.14
N THR B 154 19.97 -1.88 18.90
CA THR B 154 20.23 -2.82 17.81
C THR B 154 21.73 -3.01 17.61
N TRP B 155 22.49 -1.92 17.58
CA TRP B 155 23.93 -2.03 17.36
C TRP B 155 24.62 -2.70 18.54
N ARG B 156 24.18 -2.40 19.76
CA ARG B 156 24.75 -3.09 20.93
C ARG B 156 24.65 -4.61 20.76
N ALA B 157 23.48 -5.11 20.33
CA ALA B 157 23.33 -6.54 20.05
C ALA B 157 24.33 -7.00 19.00
N MET B 158 24.50 -6.21 17.94
CA MET B 158 25.50 -6.53 16.93
C MET B 158 26.88 -6.61 17.57
N GLU B 159 27.23 -5.61 18.38
CA GLU B 159 28.52 -5.61 19.05
C GLU B 159 28.68 -6.84 19.93
N GLU B 160 27.60 -7.32 20.54
CA GLU B 160 27.72 -8.46 21.44
C GLU B 160 27.95 -9.76 20.68
N LEU B 161 27.27 -9.93 19.54
CA LEU B 161 27.54 -11.09 18.69
C LEU B 161 28.97 -11.07 18.17
N TYR B 162 29.52 -9.87 17.99
CA TYR B 162 30.91 -9.73 17.58
C TYR B 162 31.83 -10.24 18.68
N GLU B 163 31.58 -9.84 19.91
CA GLU B 163 32.43 -10.32 20.99
C GLU B 163 32.28 -11.83 21.20
N ALA B 164 31.09 -12.37 21.01
CA ALA B 164 30.89 -13.82 21.12
C ALA B 164 31.50 -14.57 19.95
N LYS B 165 32.02 -13.85 18.97
CA LYS B 165 32.67 -14.46 17.82
C LYS B 165 31.69 -15.28 16.98
N LYS B 166 30.44 -14.87 16.98
CA LYS B 166 29.54 -15.46 15.99
C LYS B 166 29.62 -14.75 14.65
N ALA B 167 30.26 -13.58 14.60
CA ALA B 167 30.55 -12.87 13.35
C ALA B 167 31.91 -12.22 13.47
N ARG B 168 32.77 -12.41 12.44
CA ARG B 168 34.13 -11.84 12.47
C ARG B 168 34.13 -10.35 12.17
N ALA B 169 33.03 -9.82 11.62
CA ALA B 169 32.88 -8.40 11.36
C ALA B 169 31.39 -8.05 11.32
N ILE B 170 31.05 -6.85 11.81
CA ILE B 170 29.68 -6.37 11.82
C ILE B 170 29.62 -5.05 11.09
N GLY B 171 28.51 -4.82 10.42
CA GLY B 171 28.35 -3.63 9.63
C GLY B 171 26.90 -3.33 9.39
N VAL B 172 26.67 -2.48 8.38
CA VAL B 172 25.33 -1.98 8.12
C VAL B 172 25.08 -2.06 6.61
N SER B 173 23.83 -1.85 6.25
CA SER B 173 23.42 -1.84 4.86
C SER B 173 22.38 -0.74 4.66
N ASN B 174 22.49 -0.02 3.54
CA ASN B 174 21.62 1.10 3.22
C ASN B 174 21.73 2.25 4.23
N TRP B 175 22.84 2.37 4.94
CA TRP B 175 22.99 3.46 5.90
C TRP B 175 23.33 4.75 5.17
N THR B 176 22.82 5.87 5.68
CA THR B 176 23.10 7.19 5.12
C THR B 176 24.29 7.84 5.85
N ILE B 177 24.79 8.95 5.30
CA ILE B 177 25.86 9.68 5.98
C ILE B 177 25.41 10.10 7.38
N ASP B 178 24.21 10.68 7.49
CA ASP B 178 23.73 11.10 8.80
C ASP B 178 23.52 9.92 9.72
N GLY B 179 23.01 8.80 9.18
CA GLY B 179 22.90 7.60 9.99
C GLY B 179 24.26 7.12 10.50
N LEU B 180 25.27 7.14 9.63
CA LEU B 180 26.60 6.74 10.06
C LEU B 180 27.12 7.69 11.13
N LYS B 181 26.93 8.99 10.95
CA LYS B 181 27.39 9.94 11.97
C LYS B 181 26.72 9.65 13.29
N LYS B 182 25.43 9.31 13.26
CA LYS B 182 24.71 8.99 14.49
C LYS B 182 25.20 7.67 15.09
N LEU B 183 25.48 6.69 14.24
CA LEU B 183 25.99 5.41 14.73
C LEU B 183 27.38 5.54 15.35
N PHE B 184 28.30 6.26 14.69
CA PHE B 184 29.65 6.44 15.23
C PHE B 184 29.61 6.94 16.68
N ALA B 185 28.73 7.88 16.97
CA ALA B 185 28.70 8.48 18.31
C ALA B 185 28.44 7.42 19.38
N VAL B 186 27.53 6.48 19.12
CA VAL B 186 27.16 5.51 20.16
C VAL B 186 27.91 4.19 20.04
N ALA B 187 28.63 3.93 18.96
CA ALA B 187 29.23 2.62 18.78
C ALA B 187 30.55 2.47 19.54
N LYS B 188 30.71 1.31 20.19
CA LYS B 188 32.04 0.87 20.61
C LYS B 188 32.82 0.32 19.40
N VAL B 189 32.22 -0.58 18.65
CA VAL B 189 32.84 -1.15 17.45
C VAL B 189 32.30 -0.39 16.24
N LYS B 190 33.17 0.31 15.53
CA LYS B 190 32.71 0.99 14.31
C LYS B 190 32.30 -0.03 13.25
N PRO B 191 31.16 0.17 12.59
CA PRO B 191 30.76 -0.76 11.53
C PRO B 191 31.83 -0.86 10.46
N ALA B 192 32.07 -2.07 9.98
CA ALA B 192 33.16 -2.33 9.06
C ALA B 192 32.79 -2.11 7.60
N VAL B 193 31.51 -2.21 7.27
CA VAL B 193 31.02 -2.20 5.90
C VAL B 193 29.67 -1.49 5.89
N ASN B 194 29.38 -0.80 4.80
CA ASN B 194 28.05 -0.26 4.52
C ASN B 194 27.69 -0.73 3.12
N GLN B 195 26.80 -1.72 3.03
CA GLN B 195 26.38 -2.28 1.75
C GLN B 195 25.23 -1.44 1.19
N ILE B 196 25.43 -0.92 -0.02
CA ILE B 196 24.50 0.03 -0.61
C ILE B 196 24.46 -0.23 -2.11
N GLU B 197 23.43 0.31 -2.75
CA GLU B 197 23.34 0.26 -4.20
C GLU B 197 24.39 1.20 -4.78
N ILE B 198 25.29 0.67 -5.62
CA ILE B 198 26.27 1.49 -6.34
C ILE B 198 26.45 0.96 -7.75
N HIS B 199 26.29 1.85 -8.73
CA HIS B 199 26.56 1.49 -10.13
C HIS B 199 26.56 2.78 -10.93
N PRO B 200 26.98 2.74 -12.19
CA PRO B 200 27.05 4.00 -12.97
C PRO B 200 25.77 4.83 -12.98
N TYR B 201 24.58 4.22 -12.83
CA TYR B 201 23.39 5.05 -12.85
C TYR B 201 23.05 5.62 -11.48
N LEU B 202 23.74 5.17 -10.44
CA LEU B 202 23.64 5.71 -9.09
C LEU B 202 25.03 5.68 -8.48
N PRO B 203 25.91 6.60 -8.87
CA PRO B 203 27.29 6.52 -8.37
C PRO B 203 27.40 6.65 -6.86
N ASN B 204 26.44 7.29 -6.18
CA ASN B 204 26.46 7.38 -4.72
C ASN B 204 27.77 7.97 -4.23
N GLU B 205 28.26 9.00 -4.94
CA GLU B 205 29.62 9.46 -4.73
C GLU B 205 29.83 9.99 -3.33
N GLU B 206 28.90 10.81 -2.82
CA GLU B 206 29.16 11.46 -1.55
C GLU B 206 29.28 10.44 -0.43
N LEU B 207 28.41 9.42 -0.45
CA LEU B 207 28.39 8.41 0.60
C LEU B 207 29.59 7.48 0.50
N VAL B 208 29.93 7.07 -0.71
CA VAL B 208 31.14 6.26 -0.89
C VAL B 208 32.36 7.01 -0.34
N ARG B 209 32.52 8.27 -0.75
CA ARG B 209 33.64 9.08 -0.26
C ARG B 209 33.62 9.14 1.26
N PHE B 210 32.45 9.39 1.84
CA PHE B 210 32.37 9.53 3.28
C PHE B 210 32.77 8.24 4.00
N CYS B 211 32.29 7.10 3.50
CA CYS B 211 32.67 5.81 4.08
C CYS B 211 34.17 5.57 3.96
N LEU B 212 34.72 5.82 2.77
CA LEU B 212 36.13 5.57 2.58
C LEU B 212 36.96 6.48 3.48
N ASP B 213 36.52 7.72 3.67
CA ASP B 213 37.28 8.56 4.59
C ASP B 213 37.07 8.18 6.04
N ASN B 214 36.11 7.32 6.38
CA ASN B 214 35.83 7.09 7.79
C ASN B 214 35.95 5.64 8.19
N ASP B 215 36.75 4.86 7.46
CA ASP B 215 37.07 3.49 7.84
C ASP B 215 35.89 2.55 7.71
N VAL B 216 34.99 2.85 6.79
CA VAL B 216 33.87 1.97 6.47
C VAL B 216 34.04 1.58 5.02
N LEU B 217 34.10 0.29 4.77
CA LEU B 217 34.27 -0.14 3.40
C LEU B 217 32.89 -0.18 2.74
N PRO B 218 32.69 0.54 1.64
CA PRO B 218 31.44 0.37 0.89
C PRO B 218 31.41 -0.99 0.20
N SER B 219 30.21 -1.51 0.06
CA SER B 219 29.96 -2.75 -0.63
C SER B 219 28.77 -2.51 -1.52
N ALA B 220 28.91 -2.79 -2.82
CA ALA B 220 27.93 -2.41 -3.82
C ALA B 220 27.02 -3.58 -4.12
N TYR B 221 25.78 -3.48 -3.70
CA TYR B 221 24.80 -4.40 -4.25
C TYR B 221 24.21 -3.79 -5.51
N SER B 222 23.50 -4.61 -6.29
CA SER B 222 23.04 -4.24 -7.63
C SER B 222 24.14 -3.56 -8.43
N PRO B 223 25.36 -4.12 -8.47
CA PRO B 223 26.45 -3.44 -9.19
C PRO B 223 26.24 -3.39 -10.68
N LEU B 224 25.38 -4.22 -11.23
CA LEU B 224 25.10 -4.16 -12.65
C LEU B 224 23.82 -3.40 -12.93
N GLY B 225 23.29 -2.67 -11.95
CA GLY B 225 22.06 -1.91 -12.10
C GLY B 225 20.79 -2.70 -11.85
N SER B 226 20.90 -3.99 -11.51
CA SER B 226 19.79 -4.84 -11.08
C SER B 226 18.75 -5.12 -12.17
N GLN B 227 18.90 -4.48 -13.33
CA GLN B 227 17.86 -4.45 -14.36
C GLN B 227 16.46 -4.24 -13.76
N ASP B 228 16.28 -3.07 -13.11
CA ASP B 228 15.03 -2.70 -12.44
C ASP B 228 14.41 -1.49 -13.16
N GLN B 229 13.30 -1.73 -13.86
CA GLN B 229 12.65 -0.73 -14.73
C GLN B 229 13.66 0.04 -15.57
N GLY B 234 12.71 5.12 -15.76
CA GLY B 234 12.46 3.79 -16.29
C GLY B 234 13.38 3.35 -17.42
N GLU B 235 14.63 3.77 -17.37
CA GLU B 235 15.62 3.31 -18.32
C GLU B 235 16.59 2.35 -17.62
N ARG B 236 17.12 1.39 -18.37
CA ARG B 236 18.00 0.37 -17.83
C ARG B 236 19.46 0.68 -18.11
N VAL B 237 20.30 0.31 -17.14
CA VAL B 237 21.74 0.47 -17.32
C VAL B 237 22.21 -0.25 -18.58
N ARG B 238 21.68 -1.45 -18.84
CA ARG B 238 22.12 -2.25 -19.98
C ARG B 238 21.76 -1.62 -21.31
N ASP B 239 20.81 -0.69 -21.35
CA ASP B 239 20.48 -0.04 -22.60
C ASP B 239 21.40 1.13 -22.92
N ASP B 240 22.33 1.48 -22.03
CA ASP B 240 23.13 2.70 -22.22
C ASP B 240 24.09 2.52 -23.38
N PRO B 241 24.02 3.35 -24.41
CA PRO B 241 24.89 3.09 -25.56
C PRO B 241 26.35 3.39 -25.27
N GLY B 242 26.61 4.36 -24.38
CA GLY B 242 27.98 4.68 -24.02
C GLY B 242 28.65 3.61 -23.19
N LEU B 243 27.93 3.07 -22.19
CA LEU B 243 28.48 1.96 -21.42
C LEU B 243 28.74 0.75 -22.31
N ASN B 244 27.80 0.41 -23.19
CA ASN B 244 28.00 -0.77 -24.02
C ASN B 244 29.14 -0.55 -25.01
N ALA B 245 29.37 0.69 -25.43
CA ALA B 245 30.44 0.96 -26.39
C ALA B 245 31.81 0.71 -25.75
N VAL B 246 31.96 1.12 -24.49
CA VAL B 246 33.22 0.86 -23.80
C VAL B 246 33.46 -0.63 -23.66
N ALA B 247 32.41 -1.38 -23.26
CA ALA B 247 32.53 -2.83 -23.17
C ALA B 247 32.90 -3.43 -24.52
N ASN B 248 32.18 -3.06 -25.57
CA ASN B 248 32.47 -3.65 -26.88
C ASN B 248 33.89 -3.30 -27.34
N ARG B 249 34.28 -2.04 -27.19
CA ARG B 249 35.56 -1.61 -27.75
C ARG B 249 36.72 -2.36 -27.12
N SER B 250 36.55 -2.81 -25.88
CA SER B 250 37.59 -3.51 -25.16
C SER B 250 37.31 -5.01 -25.01
N ASN B 251 36.36 -5.55 -25.78
CA ASN B 251 36.16 -7.00 -25.85
C ASN B 251 35.93 -7.60 -24.46
N MET B 252 34.95 -7.05 -23.78
CA MET B 252 34.54 -7.56 -22.47
C MET B 252 33.02 -7.46 -22.42
N THR B 253 32.40 -8.18 -21.48
CA THR B 253 30.96 -7.99 -21.32
C THR B 253 30.68 -6.66 -20.63
N LEU B 254 29.45 -6.18 -20.81
CA LEU B 254 29.00 -5.00 -20.07
C LEU B 254 29.16 -5.21 -18.57
N ALA B 255 28.73 -6.37 -18.06
CA ALA B 255 28.88 -6.65 -16.64
C ALA B 255 30.33 -6.49 -16.18
N GLN B 256 31.27 -7.04 -16.96
CA GLN B 256 32.67 -6.96 -16.58
C GLN B 256 33.13 -5.51 -16.51
N ALA B 257 32.71 -4.69 -17.48
CA ALA B 257 33.10 -3.28 -17.43
C ALA B 257 32.56 -2.63 -16.16
N LEU B 258 31.28 -2.86 -15.84
CA LEU B 258 30.72 -2.25 -14.65
C LEU B 258 31.39 -2.77 -13.38
N LEU B 259 31.66 -4.08 -13.30
CA LEU B 259 32.29 -4.59 -12.10
C LEU B 259 33.71 -4.04 -11.95
N GLY B 260 34.46 -3.96 -13.05
CA GLY B 260 35.78 -3.34 -12.98
C GLY B 260 35.73 -1.89 -12.57
N TRP B 261 34.67 -1.17 -12.97
CA TRP B 261 34.52 0.23 -12.60
C TRP B 261 34.34 0.37 -11.09
N GLY B 262 33.52 -0.50 -10.49
CA GLY B 262 33.29 -0.39 -9.06
C GLY B 262 34.53 -0.72 -8.26
N VAL B 263 35.23 -1.79 -8.62
CA VAL B 263 36.39 -2.19 -7.83
C VAL B 263 37.45 -1.10 -7.86
N LYS B 264 37.70 -0.52 -9.04
CA LYS B 264 38.68 0.55 -9.16
C LYS B 264 38.31 1.76 -8.30
N ARG B 265 37.02 1.96 -8.03
CA ARG B 265 36.64 3.03 -7.11
C ARG B 265 36.97 2.67 -5.67
N GLY B 266 37.37 1.43 -5.42
CA GLY B 266 37.88 1.03 -4.14
C GLY B 266 36.91 0.33 -3.23
N TYR B 267 35.91 -0.37 -3.77
CA TYR B 267 34.92 -1.04 -2.91
C TYR B 267 34.56 -2.42 -3.45
N VAL B 268 33.83 -3.16 -2.62
CA VAL B 268 33.37 -4.50 -2.96
C VAL B 268 32.19 -4.42 -3.93
N VAL B 269 32.09 -5.42 -4.81
CA VAL B 269 30.94 -5.56 -5.69
C VAL B 269 30.36 -6.97 -5.53
N LEU B 270 29.03 -7.06 -5.58
CA LEU B 270 28.28 -8.25 -5.24
C LEU B 270 27.30 -8.59 -6.36
N PRO B 271 27.82 -9.02 -7.51
CA PRO B 271 26.93 -9.28 -8.65
C PRO B 271 26.07 -10.53 -8.46
N LYS B 272 24.84 -10.46 -8.92
CA LYS B 272 23.92 -11.59 -8.88
C LYS B 272 23.72 -12.12 -10.29
N SER B 273 23.57 -13.43 -10.39
CA SER B 273 23.21 -14.06 -11.65
C SER B 273 22.63 -15.43 -11.35
N SER B 274 21.71 -15.86 -12.22
CA SER B 274 21.20 -17.22 -12.21
C SER B 274 21.78 -18.08 -13.32
N THR B 275 22.40 -17.45 -14.31
CA THR B 275 22.88 -18.14 -15.49
C THR B 275 24.30 -18.63 -15.25
N PRO B 276 24.58 -19.92 -15.42
CA PRO B 276 25.95 -20.41 -15.15
C PRO B 276 27.02 -19.74 -15.99
N SER B 277 26.72 -19.37 -17.24
CA SER B 277 27.72 -18.65 -18.02
C SER B 277 27.98 -17.26 -17.44
N ARG B 278 26.94 -16.58 -16.98
CA ARG B 278 27.20 -15.26 -16.44
C ARG B 278 27.82 -15.35 -15.06
N ILE B 279 27.43 -16.34 -14.27
CA ILE B 279 28.13 -16.56 -13.00
C ILE B 279 29.61 -16.71 -13.28
N LYS B 280 29.93 -17.54 -14.28
CA LYS B 280 31.29 -17.78 -14.71
C LYS B 280 32.00 -16.48 -15.10
N SER B 281 31.39 -15.71 -16.00
CA SER B 281 32.10 -14.56 -16.55
C SER B 281 32.15 -13.38 -15.58
N ASN B 282 31.16 -13.23 -14.72
CA ASN B 282 31.16 -12.11 -13.80
C ASN B 282 32.34 -12.14 -12.84
N ILE B 283 32.88 -13.32 -12.55
CA ILE B 283 34.02 -13.38 -11.64
C ILE B 283 35.30 -12.92 -12.29
N GLU B 284 35.33 -12.77 -13.61
CA GLU B 284 36.54 -12.32 -14.31
C GLU B 284 36.59 -10.79 -14.36
N VAL B 285 36.74 -10.18 -13.19
CA VAL B 285 36.66 -8.72 -13.15
C VAL B 285 37.95 -8.11 -13.70
N PRO B 286 37.87 -7.26 -14.72
CA PRO B 286 39.09 -6.74 -15.34
C PRO B 286 39.71 -5.57 -14.58
N ASP B 287 41.00 -5.38 -14.82
CA ASP B 287 41.75 -4.22 -14.34
C ASP B 287 41.68 -3.18 -15.45
N LEU B 288 40.70 -2.29 -15.35
CA LEU B 288 40.33 -1.43 -16.46
C LEU B 288 41.45 -0.46 -16.80
N SER B 289 41.67 -0.25 -18.09
CA SER B 289 42.57 0.83 -18.47
C SER B 289 41.96 2.16 -18.04
N GLU B 290 42.81 3.17 -17.95
CA GLU B 290 42.34 4.48 -17.50
C GLU B 290 41.32 5.05 -18.49
N ALA B 291 41.52 4.81 -19.79
CA ALA B 291 40.60 5.32 -20.79
C ALA B 291 39.21 4.69 -20.67
N ASP B 292 39.14 3.37 -20.48
CA ASP B 292 37.85 2.72 -20.30
C ASP B 292 37.19 3.20 -19.02
N TYR B 293 37.97 3.33 -17.95
CA TYR B 293 37.43 3.73 -16.66
C TYR B 293 36.85 5.16 -16.72
N GLN B 294 37.59 6.09 -17.33
CA GLN B 294 37.11 7.46 -17.41
C GLN B 294 35.92 7.58 -18.36
N ASP B 295 35.90 6.79 -19.43
CA ASP B 295 34.78 6.86 -20.37
C ASP B 295 33.51 6.27 -19.76
N LEU B 296 33.65 5.27 -18.89
CA LEU B 296 32.51 4.84 -18.09
C LEU B 296 32.05 5.96 -17.16
N TRP B 297 33.01 6.69 -16.56
CA TRP B 297 32.66 7.78 -15.65
C TRP B 297 31.94 8.93 -16.34
N LYS B 298 32.28 9.22 -17.60
CA LYS B 298 31.60 10.30 -18.31
C LYS B 298 30.11 10.03 -18.38
N VAL B 299 29.74 8.77 -18.62
CA VAL B 299 28.34 8.40 -18.67
C VAL B 299 27.67 8.64 -17.32
N ALA B 300 28.27 8.10 -16.26
CA ALA B 300 27.72 8.28 -14.94
C ALA B 300 27.60 9.74 -14.58
N ASN B 301 28.63 10.54 -14.89
CA ASN B 301 28.58 11.96 -14.54
C ASN B 301 27.81 12.80 -15.54
N GLY B 302 27.39 12.26 -16.66
CA GLY B 302 26.66 13.06 -17.62
C GLY B 302 25.15 13.09 -17.43
N ARG B 303 24.65 12.65 -16.28
CA ARG B 303 23.22 12.44 -16.11
C ARG B 303 22.88 12.60 -14.64
N LYS B 304 21.61 12.82 -14.37
CA LYS B 304 21.16 12.80 -12.98
C LYS B 304 21.04 11.35 -12.50
N PRO B 305 21.44 11.05 -11.25
CA PRO B 305 21.36 9.67 -10.78
C PRO B 305 19.91 9.21 -10.66
N THR B 306 19.73 7.90 -10.73
CA THR B 306 18.41 7.31 -10.62
C THR B 306 18.55 6.06 -9.78
N ARG B 307 17.91 6.05 -8.62
CA ARG B 307 17.98 4.91 -7.71
C ARG B 307 17.00 3.81 -8.12
N PHE B 308 17.44 2.56 -8.06
CA PHE B 308 16.59 1.44 -8.46
C PHE B 308 16.02 0.64 -7.29
N VAL B 309 16.69 0.59 -6.15
CA VAL B 309 16.23 -0.20 -5.02
C VAL B 309 15.72 0.79 -3.99
N ASP B 310 14.41 0.93 -3.93
CA ASP B 310 13.80 1.82 -2.97
C ASP B 310 12.47 1.18 -2.59
N MET B 311 12.40 0.68 -1.38
CA MET B 311 11.26 -0.10 -0.94
C MET B 311 10.25 0.75 -0.17
N LYS B 312 10.19 2.05 -0.48
CA LYS B 312 9.17 2.94 0.05
C LYS B 312 7.81 2.27 0.17
N ASP B 313 7.34 1.71 -0.94
CA ASP B 313 5.96 1.27 -1.05
C ASP B 313 5.71 -0.03 -0.30
N THR B 314 6.75 -0.78 0.01
CA THR B 314 6.62 -1.89 0.92
C THR B 314 6.72 -1.44 2.38
N PHE B 315 7.75 -0.64 2.71
CA PHE B 315 8.02 -0.24 4.09
C PHE B 315 7.05 0.81 4.61
N GLY B 316 6.50 1.65 3.73
CA GLY B 316 5.78 2.82 4.22
C GLY B 316 6.69 3.78 4.96
N TYR B 317 7.94 3.90 4.51
CA TYR B 317 8.96 4.75 5.11
C TYR B 317 9.84 5.24 3.98
N ASP B 318 10.07 6.54 3.90
CA ASP B 318 10.83 7.09 2.78
C ASP B 318 12.23 7.44 3.29
N LEU B 319 13.19 6.51 3.08
CA LEU B 319 14.54 6.68 3.62
C LEU B 319 15.29 7.83 2.96
N TRP B 320 15.15 8.00 1.64
CA TRP B 320 16.06 8.89 0.94
C TRP B 320 15.45 10.22 0.53
N LYS B 321 14.16 10.40 0.67
CA LYS B 321 13.59 11.69 0.34
C LYS B 321 13.05 12.34 1.60
N GLU B 322 13.81 12.24 2.70
CA GLU B 322 13.48 12.94 3.94
C GLU B 322 14.54 14.00 4.31
N ALA C 4 -10.46 -28.96 -41.95
CA ALA C 4 -10.35 -27.89 -40.95
C ALA C 4 -11.68 -27.72 -40.22
N THR C 5 -11.73 -28.22 -38.98
CA THR C 5 -12.99 -28.40 -38.27
C THR C 5 -12.80 -27.95 -36.82
N LEU C 6 -13.84 -27.37 -36.24
CA LEU C 6 -13.73 -26.78 -34.91
C LEU C 6 -14.92 -27.17 -34.06
N ALA C 7 -14.66 -27.41 -32.79
CA ALA C 7 -15.74 -27.54 -31.80
C ALA C 7 -15.95 -26.20 -31.11
N ASN C 8 -17.16 -25.68 -31.15
CA ASN C 8 -17.39 -24.44 -30.41
C ASN C 8 -17.71 -24.77 -28.96
N LYS C 9 -16.70 -25.16 -28.20
CA LYS C 9 -16.98 -25.48 -26.81
C LYS C 9 -17.38 -24.21 -26.06
N THR C 10 -18.43 -24.33 -25.22
CA THR C 10 -19.01 -23.17 -24.54
C THR C 10 -19.17 -23.45 -23.06
N PHE C 11 -19.43 -22.38 -22.30
CA PHE C 11 -19.75 -22.40 -20.89
C PHE C 11 -21.09 -21.70 -20.68
N LYS C 12 -21.73 -21.98 -19.56
CA LYS C 12 -23.04 -21.42 -19.27
C LYS C 12 -22.87 -20.48 -18.10
N LEU C 13 -23.06 -19.19 -18.34
CA LEU C 13 -22.94 -18.21 -17.27
C LEU C 13 -24.05 -18.40 -16.25
N ASN C 14 -23.87 -17.78 -15.08
CA ASN C 14 -24.82 -17.93 -13.98
C ASN C 14 -26.18 -17.31 -14.29
N ASN C 15 -26.33 -16.61 -15.42
CA ASN C 15 -27.64 -16.14 -15.88
C ASN C 15 -28.08 -16.85 -17.16
N GLY C 16 -27.53 -18.03 -17.44
CA GLY C 16 -27.92 -18.79 -18.60
C GLY C 16 -27.24 -18.39 -19.89
N VAL C 17 -26.61 -17.22 -19.96
CA VAL C 17 -25.91 -16.84 -21.19
C VAL C 17 -24.76 -17.79 -21.47
N GLU C 18 -24.60 -18.17 -22.73
CA GLU C 18 -23.54 -19.07 -23.11
C GLU C 18 -22.40 -18.31 -23.76
N ILE C 19 -21.17 -18.68 -23.38
CA ILE C 19 -19.98 -17.92 -23.71
C ILE C 19 -18.96 -18.88 -24.30
N PRO C 20 -18.45 -18.64 -25.51
CA PRO C 20 -17.43 -19.55 -26.07
C PRO C 20 -16.21 -19.65 -25.16
N ALA C 21 -15.66 -20.87 -25.03
CA ALA C 21 -14.53 -21.05 -24.13
C ALA C 21 -13.28 -20.33 -24.62
N VAL C 22 -13.17 -20.09 -25.92
CA VAL C 22 -12.03 -19.46 -26.53
C VAL C 22 -12.48 -18.13 -27.13
N GLY C 23 -11.87 -17.04 -26.71
CA GLY C 23 -12.13 -15.74 -27.27
C GLY C 23 -10.82 -15.14 -27.75
N PHE C 24 -10.91 -14.32 -28.79
CA PHE C 24 -9.74 -13.69 -29.37
C PHE C 24 -9.43 -12.38 -28.66
N GLY C 25 -8.21 -12.25 -28.14
CA GLY C 25 -7.81 -11.00 -27.53
C GLY C 25 -7.49 -9.92 -28.54
N THR C 26 -8.18 -8.79 -28.51
CA THR C 26 -8.06 -7.78 -29.56
C THR C 26 -7.13 -6.62 -29.19
N PHE C 27 -6.42 -6.68 -28.07
CA PHE C 27 -5.72 -5.49 -27.61
C PHE C 27 -4.54 -5.12 -28.52
N ALA C 28 -4.50 -3.84 -28.91
CA ALA C 28 -3.32 -3.11 -29.40
C ALA C 28 -3.31 -1.75 -28.71
N ALA C 29 -2.28 -0.93 -28.90
CA ALA C 29 -1.25 -0.74 -29.92
C ALA C 29 -0.45 -1.98 -30.33
N GLU C 30 0.13 -1.87 -31.52
CA GLU C 30 -0.02 -0.63 -32.30
C GLU C 30 -1.44 -0.43 -32.85
N GLY C 31 -2.03 0.71 -32.52
CA GLY C 31 -3.36 1.06 -32.99
C GLY C 31 -3.30 1.90 -34.26
N GLN C 32 -2.49 1.43 -35.23
CA GLN C 32 -2.43 2.05 -36.54
C GLN C 32 -3.64 1.63 -37.38
N PRO C 33 -4.10 2.51 -38.27
CA PRO C 33 -5.30 2.20 -39.05
C PRO C 33 -5.18 0.86 -39.75
N GLY C 34 -6.19 0.00 -39.54
CA GLY C 34 -6.29 -1.28 -40.20
C GLY C 34 -5.63 -2.47 -39.50
N GLN C 35 -4.83 -2.22 -38.47
CA GLN C 35 -4.15 -3.33 -37.81
C GLN C 35 -5.13 -4.18 -37.02
N THR C 36 -6.04 -3.54 -36.29
CA THR C 36 -7.04 -4.26 -35.53
C THR C 36 -8.02 -4.94 -36.47
N TYR C 37 -8.38 -4.27 -37.55
CA TYR C 37 -9.28 -4.86 -38.54
C TYR C 37 -8.71 -6.16 -39.09
N ALA C 38 -7.43 -6.16 -39.46
CA ALA C 38 -6.80 -7.34 -40.05
C ALA C 38 -6.83 -8.52 -39.09
N ALA C 39 -6.46 -8.30 -37.82
CA ALA C 39 -6.43 -9.41 -36.89
C ALA C 39 -7.84 -9.87 -36.52
N THR C 40 -8.76 -8.92 -36.27
CA THR C 40 -10.12 -9.31 -35.89
C THR C 40 -10.79 -10.11 -37.00
N LYS C 41 -10.69 -9.62 -38.25
CA LYS C 41 -11.32 -10.30 -39.37
C LYS C 41 -10.71 -11.67 -39.58
N ALA C 42 -9.38 -11.77 -39.44
CA ALA C 42 -8.71 -13.05 -39.58
C ALA C 42 -9.14 -14.02 -38.49
N ALA C 43 -9.35 -13.53 -37.27
CA ALA C 43 -9.82 -14.39 -36.19
C ALA C 43 -11.22 -14.92 -36.50
N LEU C 44 -12.14 -14.03 -36.90
CA LEU C 44 -13.49 -14.46 -37.25
C LEU C 44 -13.45 -15.49 -38.37
N GLU C 45 -12.66 -15.26 -39.42
CA GLU C 45 -12.61 -16.20 -40.53
C GLU C 45 -11.94 -17.51 -40.11
N ALA C 46 -11.10 -17.47 -39.08
CA ALA C 46 -10.54 -18.70 -38.55
C ALA C 46 -11.53 -19.49 -37.69
N GLY C 47 -12.63 -18.88 -37.25
CA GLY C 47 -13.63 -19.60 -36.48
C GLY C 47 -13.76 -19.20 -35.03
N TYR C 48 -13.08 -18.14 -34.60
CA TYR C 48 -13.37 -17.53 -33.31
C TYR C 48 -14.80 -16.98 -33.33
N ARG C 49 -15.52 -17.17 -32.23
CA ARG C 49 -16.87 -16.64 -32.10
C ARG C 49 -16.99 -15.74 -30.87
N HIS C 50 -15.86 -15.36 -30.30
CA HIS C 50 -15.84 -14.59 -29.07
C HIS C 50 -14.73 -13.56 -29.20
N LEU C 51 -15.06 -12.27 -29.18
CA LEU C 51 -14.07 -11.20 -29.28
C LEU C 51 -14.01 -10.44 -27.97
N ASP C 52 -12.80 -10.26 -27.43
CA ASP C 52 -12.58 -9.55 -26.17
C ASP C 52 -12.03 -8.16 -26.45
N CYS C 53 -12.74 -7.14 -25.99
CA CYS C 53 -12.46 -5.78 -26.39
C CYS C 53 -12.41 -4.90 -25.15
N ALA C 54 -12.02 -3.65 -25.34
CA ALA C 54 -11.99 -2.72 -24.22
C ALA C 54 -11.96 -1.31 -24.76
N TRP C 55 -12.68 -0.42 -24.09
CA TRP C 55 -12.56 1.00 -24.42
C TRP C 55 -11.11 1.42 -24.38
N PHE C 56 -10.35 0.91 -23.40
CA PHE C 56 -8.99 1.40 -23.18
C PHE C 56 -8.18 1.30 -24.46
N TYR C 57 -8.39 0.26 -25.24
CA TYR C 57 -7.51 0.03 -26.37
C TYR C 57 -7.87 0.86 -27.59
N GLN C 58 -8.97 1.62 -27.54
CA GLN C 58 -9.23 2.66 -28.54
C GLN C 58 -9.27 2.10 -29.96
N ASN C 59 -9.78 0.89 -30.14
CA ASN C 59 -9.83 0.28 -31.47
C ASN C 59 -11.17 -0.36 -31.77
N GLU C 60 -12.17 -0.13 -30.92
CA GLU C 60 -13.47 -0.78 -31.11
C GLU C 60 -14.13 -0.38 -32.42
N ASP C 61 -13.76 0.76 -33.00
CA ASP C 61 -14.32 1.12 -34.29
C ASP C 61 -13.86 0.15 -35.38
N GLU C 62 -12.56 -0.20 -35.40
CA GLU C 62 -12.08 -1.18 -36.38
C GLU C 62 -12.70 -2.56 -36.14
N ILE C 63 -12.84 -2.95 -34.88
CA ILE C 63 -13.50 -4.22 -34.57
C ILE C 63 -14.93 -4.21 -35.08
N GLY C 64 -15.64 -3.10 -34.89
CA GLY C 64 -16.97 -3.00 -35.45
C GLY C 64 -16.96 -3.16 -36.96
N ASN C 65 -15.95 -2.58 -37.61
CA ASN C 65 -15.81 -2.69 -39.05
C ASN C 65 -15.57 -4.13 -39.46
N ALA C 66 -14.75 -4.85 -38.69
CA ALA C 66 -14.42 -6.23 -39.02
C ALA C 66 -15.63 -7.15 -38.85
N ILE C 67 -16.34 -7.02 -37.74
CA ILE C 67 -17.53 -7.83 -37.54
C ILE C 67 -18.48 -7.66 -38.72
N ALA C 68 -18.77 -6.41 -39.06
CA ALA C 68 -19.75 -6.15 -40.11
C ALA C 68 -19.29 -6.75 -41.43
N ASP C 69 -18.02 -6.53 -41.80
CA ASP C 69 -17.52 -7.05 -43.07
C ASP C 69 -17.56 -8.58 -43.06
N PHE C 70 -17.18 -9.19 -41.94
CA PHE C 70 -17.25 -10.64 -41.84
C PHE C 70 -18.66 -11.15 -42.03
N LEU C 71 -19.63 -10.55 -41.33
CA LEU C 71 -21.01 -11.03 -41.40
C LEU C 71 -21.56 -10.91 -42.81
N LYS C 72 -21.23 -9.81 -43.50
CA LYS C 72 -21.71 -9.65 -44.87
C LYS C 72 -21.14 -10.73 -45.78
N GLU C 73 -19.89 -11.18 -45.54
CA GLU C 73 -19.28 -12.17 -46.41
C GLU C 73 -19.63 -13.60 -46.00
N ASN C 74 -20.20 -13.80 -44.81
CA ASN C 74 -20.52 -15.12 -44.28
C ASN C 74 -22.01 -15.17 -43.93
N PRO C 75 -22.87 -15.31 -44.95
CA PRO C 75 -24.33 -15.41 -44.69
C PRO C 75 -24.74 -16.49 -43.68
N SER C 76 -24.04 -17.62 -43.63
CA SER C 76 -24.37 -18.72 -42.75
C SER C 76 -24.13 -18.38 -41.28
N VAL C 77 -23.55 -17.21 -41.00
CA VAL C 77 -23.24 -16.76 -39.65
C VAL C 77 -24.12 -15.55 -39.31
N LYS C 78 -24.58 -15.49 -38.06
CA LYS C 78 -25.42 -14.41 -37.57
C LYS C 78 -24.77 -13.77 -36.35
N ARG C 79 -25.12 -12.49 -36.12
CA ARG C 79 -24.50 -11.73 -35.04
C ARG C 79 -24.76 -12.42 -33.71
N GLU C 80 -25.86 -13.16 -33.61
CA GLU C 80 -26.15 -13.89 -32.40
C GLU C 80 -25.22 -15.10 -32.17
N ASP C 81 -24.46 -15.54 -33.19
CA ASP C 81 -23.42 -16.56 -32.93
C ASP C 81 -22.18 -15.98 -32.28
N LEU C 82 -22.00 -14.66 -32.36
CA LEU C 82 -20.82 -13.99 -31.84
C LEU C 82 -21.02 -13.58 -30.39
N PHE C 83 -19.93 -13.61 -29.64
CA PHE C 83 -19.93 -13.18 -28.24
C PHE C 83 -18.97 -12.00 -28.14
N ILE C 84 -19.51 -10.81 -27.90
CA ILE C 84 -18.72 -9.58 -27.88
C ILE C 84 -18.62 -9.09 -26.44
N CYS C 85 -17.40 -8.94 -25.95
CA CYS C 85 -17.15 -8.43 -24.60
C CYS C 85 -16.39 -7.10 -24.68
N THR C 86 -16.83 -6.09 -23.92
CA THR C 86 -16.03 -4.89 -23.76
C THR C 86 -16.06 -4.43 -22.30
N LYS C 87 -15.37 -3.33 -22.03
CA LYS C 87 -14.98 -2.97 -20.66
C LYS C 87 -14.87 -1.46 -20.52
N VAL C 88 -15.15 -0.97 -19.33
CA VAL C 88 -15.07 0.45 -19.00
C VAL C 88 -13.84 0.68 -18.13
N TRP C 89 -13.07 1.70 -18.48
CA TRP C 89 -11.75 1.95 -17.91
C TRP C 89 -11.87 2.71 -16.57
N ASN C 90 -10.71 2.89 -15.93
CA ASN C 90 -10.68 3.27 -14.52
C ASN C 90 -11.19 4.69 -14.27
N HIS C 91 -11.14 5.57 -15.27
CA HIS C 91 -11.56 6.96 -15.04
C HIS C 91 -13.05 7.16 -15.27
N MET C 92 -13.76 6.09 -15.64
CA MET C 92 -15.16 6.16 -16.03
C MET C 92 -16.06 5.39 -15.06
N HIS C 93 -15.68 5.31 -13.79
CA HIS C 93 -16.48 4.57 -12.81
C HIS C 93 -17.69 5.32 -12.27
N ALA C 94 -17.76 6.63 -12.44
CA ALA C 94 -18.96 7.38 -12.05
C ALA C 94 -20.19 6.82 -12.77
N PRO C 95 -21.34 6.74 -12.11
CA PRO C 95 -22.51 6.06 -12.72
C PRO C 95 -22.86 6.54 -14.12
N GLU C 96 -22.82 7.85 -14.38
CA GLU C 96 -23.14 8.33 -15.71
C GLU C 96 -21.99 8.07 -16.69
N ASP C 97 -20.75 7.99 -16.19
CA ASP C 97 -19.62 7.67 -17.07
C ASP C 97 -19.57 6.19 -17.46
N VAL C 98 -20.04 5.30 -16.58
CA VAL C 98 -20.20 3.90 -16.96
C VAL C 98 -21.13 3.78 -18.15
N LYS C 99 -22.27 4.46 -18.09
CA LYS C 99 -23.26 4.33 -19.15
C LYS C 99 -22.81 5.00 -20.44
N TRP C 100 -22.14 6.16 -20.32
CA TRP C 100 -21.54 6.79 -21.49
C TRP C 100 -20.51 5.88 -22.16
N SER C 101 -19.73 5.17 -21.34
CA SER C 101 -18.67 4.31 -21.89
C SER C 101 -19.25 3.19 -22.75
N LEU C 102 -20.30 2.51 -22.27
CA LEU C 102 -20.89 1.43 -23.07
C LEU C 102 -21.55 1.98 -24.33
N ASP C 103 -22.23 3.13 -24.25
CA ASP C 103 -22.84 3.68 -25.45
C ASP C 103 -21.79 4.05 -26.48
N ASN C 104 -20.69 4.67 -26.05
CA ASN C 104 -19.60 4.95 -26.97
C ASN C 104 -19.10 3.68 -27.64
N SER C 105 -18.93 2.60 -26.86
CA SER C 105 -18.46 1.32 -27.40
C SER C 105 -19.46 0.71 -28.38
N LEU C 106 -20.76 0.81 -28.08
CA LEU C 106 -21.77 0.25 -28.97
C LEU C 106 -21.81 0.97 -30.30
N LYS C 107 -21.65 2.29 -30.29
CA LYS C 107 -21.46 3.03 -31.53
C LYS C 107 -20.30 2.43 -32.33
N ALA C 108 -19.15 2.28 -31.67
CA ALA C 108 -17.95 1.87 -32.39
C ALA C 108 -18.14 0.47 -32.97
N LEU C 109 -18.58 -0.48 -32.13
CA LEU C 109 -18.76 -1.86 -32.56
C LEU C 109 -20.00 -2.06 -33.43
N ARG C 110 -20.88 -1.05 -33.54
CA ARG C 110 -22.05 -1.10 -34.42
C ARG C 110 -23.07 -2.13 -33.94
N LEU C 111 -23.30 -2.17 -32.63
CA LEU C 111 -24.12 -3.20 -32.01
C LEU C 111 -25.18 -2.57 -31.13
N ASP C 112 -26.35 -3.19 -31.10
CA ASP C 112 -27.38 -2.80 -30.15
C ASP C 112 -27.07 -3.29 -28.74
N TYR C 113 -26.24 -4.33 -28.60
CA TYR C 113 -25.85 -4.75 -27.27
C TYR C 113 -24.50 -5.47 -27.37
N VAL C 114 -23.84 -5.62 -26.24
CA VAL C 114 -22.67 -6.47 -26.13
C VAL C 114 -23.09 -7.66 -25.30
N ASP C 115 -22.34 -8.74 -25.45
CA ASP C 115 -22.72 -9.93 -24.71
C ASP C 115 -22.19 -9.91 -23.30
N LEU C 116 -21.07 -9.25 -23.10
CA LEU C 116 -20.45 -9.15 -21.79
C LEU C 116 -19.88 -7.75 -21.66
N PHE C 117 -20.17 -7.10 -20.53
CA PHE C 117 -19.62 -5.80 -20.17
C PHE C 117 -18.95 -5.96 -18.83
N LEU C 118 -17.70 -5.51 -18.73
CA LEU C 118 -16.86 -5.70 -17.55
C LEU C 118 -16.31 -4.36 -17.05
N VAL C 119 -16.19 -4.23 -15.73
CA VAL C 119 -15.36 -3.18 -15.14
C VAL C 119 -13.91 -3.67 -15.24
N HIS C 120 -13.07 -2.88 -15.90
CA HIS C 120 -11.74 -3.36 -16.27
C HIS C 120 -10.84 -3.57 -15.06
N TRP C 121 -10.91 -2.68 -14.08
CA TRP C 121 -10.11 -2.72 -12.85
C TRP C 121 -10.98 -2.29 -11.67
N PRO C 122 -10.72 -2.82 -10.48
CA PRO C 122 -11.41 -2.36 -9.27
C PRO C 122 -10.75 -1.08 -8.75
N ILE C 123 -10.46 -0.17 -9.67
CA ILE C 123 -9.77 1.07 -9.40
C ILE C 123 -10.53 2.20 -10.07
N ALA C 124 -11.00 3.15 -9.28
CA ALA C 124 -11.69 4.34 -9.76
C ALA C 124 -10.71 5.50 -9.78
N ALA C 125 -10.58 6.14 -10.95
CA ALA C 125 -9.59 7.18 -11.17
C ALA C 125 -10.28 8.42 -11.71
N GLU C 126 -9.68 9.58 -11.42
CA GLU C 126 -10.20 10.86 -11.87
C GLU C 126 -10.12 10.99 -13.40
N ARG C 127 -11.10 11.69 -13.97
CA ARG C 127 -11.12 11.90 -15.41
C ARG C 127 -11.04 13.39 -15.71
N THR C 128 -10.55 13.70 -16.90
CA THR C 128 -10.56 15.08 -17.37
C THR C 128 -11.93 15.41 -17.96
N GLU C 129 -12.12 16.68 -18.28
CA GLU C 129 -13.38 17.13 -18.85
C GLU C 129 -13.71 16.38 -20.14
N ASP C 130 -12.72 16.15 -21.00
CA ASP C 130 -12.93 15.45 -22.26
C ASP C 130 -12.77 13.93 -22.13
N ARG C 131 -12.97 13.37 -20.94
CA ARG C 131 -13.15 11.94 -20.74
C ARG C 131 -11.89 11.11 -21.02
N GLN C 132 -10.71 11.65 -20.72
CA GLN C 132 -9.52 10.82 -20.64
C GLN C 132 -9.01 10.80 -19.20
N VAL C 133 -7.96 10.03 -18.97
CA VAL C 133 -7.51 9.75 -17.61
C VAL C 133 -6.75 10.96 -17.06
N LYS C 134 -7.14 11.42 -15.88
CA LYS C 134 -6.47 12.55 -15.26
C LYS C 134 -5.14 12.08 -14.67
N LEU C 135 -4.05 12.71 -15.08
CA LEU C 135 -2.73 12.37 -14.58
C LEU C 135 -2.32 13.36 -13.50
N GLY C 136 -1.69 12.86 -12.45
CA GLY C 136 -1.26 13.70 -11.34
C GLY C 136 0.06 14.40 -11.59
N PRO C 137 0.55 15.12 -10.57
CA PRO C 137 1.87 15.76 -10.70
C PRO C 137 2.98 14.77 -10.97
N ASP C 138 2.85 13.52 -10.49
CA ASP C 138 3.81 12.47 -10.80
C ASP C 138 3.57 11.81 -12.15
N GLY C 139 2.55 12.24 -12.88
CA GLY C 139 2.24 11.56 -14.13
C GLY C 139 1.55 10.22 -13.96
N LYS C 140 0.86 10.03 -12.84
CA LYS C 140 0.15 8.81 -12.55
C LYS C 140 -1.34 9.11 -12.36
N TYR C 141 -2.15 8.07 -12.39
CA TYR C 141 -3.57 8.25 -12.24
C TYR C 141 -3.86 8.95 -10.91
N VAL C 142 -4.92 9.75 -10.89
CA VAL C 142 -5.43 10.35 -9.66
C VAL C 142 -6.54 9.45 -9.14
N ILE C 143 -6.35 8.85 -7.98
CA ILE C 143 -7.26 7.80 -7.52
C ILE C 143 -8.37 8.40 -6.66
N ASN C 144 -9.61 8.01 -6.96
CA ASN C 144 -10.77 8.35 -6.15
C ASN C 144 -10.95 7.26 -5.10
N HIS C 145 -10.60 7.57 -3.85
CA HIS C 145 -10.62 6.56 -2.79
C HIS C 145 -12.04 6.05 -2.53
N GLU C 146 -12.99 6.97 -2.36
CA GLU C 146 -14.37 6.63 -2.04
C GLU C 146 -14.95 5.62 -3.02
N LEU C 147 -14.91 5.98 -4.31
CA LEU C 147 -15.45 5.11 -5.34
C LEU C 147 -14.68 3.79 -5.39
N THR C 148 -13.39 3.80 -5.06
CA THR C 148 -12.60 2.57 -5.13
C THR C 148 -12.96 1.62 -4.00
N GLU C 149 -13.10 2.16 -2.79
CA GLU C 149 -13.47 1.33 -1.64
C GLU C 149 -14.96 0.98 -1.66
N ASN C 150 -15.78 1.82 -2.28
CA ASN C 150 -17.23 1.68 -2.27
C ASN C 150 -17.71 1.70 -3.70
N PRO C 151 -17.55 0.59 -4.42
CA PRO C 151 -17.88 0.57 -5.85
C PRO C 151 -19.37 0.44 -6.12
N GLU C 152 -20.22 0.45 -5.10
CA GLU C 152 -21.64 0.16 -5.29
C GLU C 152 -22.27 1.03 -6.37
N PRO C 153 -22.05 2.35 -6.40
CA PRO C 153 -22.65 3.16 -7.48
C PRO C 153 -22.17 2.76 -8.87
N THR C 154 -20.91 2.33 -8.98
CA THR C 154 -20.45 1.83 -10.27
C THR C 154 -21.18 0.55 -10.66
N TRP C 155 -21.33 -0.37 -9.72
CA TRP C 155 -22.01 -1.61 -10.05
C TRP C 155 -23.48 -1.38 -10.31
N ARG C 156 -24.10 -0.42 -9.57
CA ARG C 156 -25.50 -0.07 -9.82
C ARG C 156 -25.69 0.33 -11.26
N ALA C 157 -24.74 1.07 -11.81
CA ALA C 157 -24.84 1.46 -13.20
C ALA C 157 -24.77 0.23 -14.10
N MET C 158 -23.84 -0.70 -13.83
CA MET C 158 -23.80 -1.92 -14.65
C MET C 158 -25.12 -2.68 -14.53
N GLU C 159 -25.66 -2.77 -13.31
CA GLU C 159 -26.92 -3.47 -13.11
C GLU C 159 -28.05 -2.83 -13.92
N GLU C 160 -28.06 -1.51 -14.03
CA GLU C 160 -29.11 -0.84 -14.80
C GLU C 160 -28.91 -0.95 -16.30
N LEU C 161 -27.64 -1.02 -16.75
CA LEU C 161 -27.36 -1.30 -18.16
C LEU C 161 -27.81 -2.70 -18.55
N TYR C 162 -27.62 -3.64 -17.64
CA TYR C 162 -28.12 -4.99 -17.81
C TYR C 162 -29.63 -5.01 -17.96
N GLU C 163 -30.35 -4.38 -17.03
CA GLU C 163 -31.80 -4.36 -17.11
C GLU C 163 -32.28 -3.67 -18.37
N ALA C 164 -31.57 -2.64 -18.83
CA ALA C 164 -31.89 -2.01 -20.10
C ALA C 164 -31.59 -2.91 -21.28
N LYS C 165 -30.93 -4.04 -21.06
CA LYS C 165 -30.61 -4.98 -22.12
C LYS C 165 -29.57 -4.44 -23.09
N LYS C 166 -28.68 -3.57 -22.60
CA LYS C 166 -27.52 -3.13 -23.38
C LYS C 166 -26.35 -4.11 -23.26
N ALA C 167 -26.29 -4.88 -22.19
CA ALA C 167 -25.30 -5.94 -22.03
C ALA C 167 -26.06 -7.20 -21.65
N ARG C 168 -25.73 -8.32 -22.30
CA ARG C 168 -26.42 -9.57 -21.96
C ARG C 168 -25.91 -10.17 -20.67
N ALA C 169 -24.73 -9.75 -20.23
CA ALA C 169 -24.11 -10.19 -18.98
C ALA C 169 -23.15 -9.11 -18.50
N ILE C 170 -23.06 -8.97 -17.18
CA ILE C 170 -22.15 -8.00 -16.57
C ILE C 170 -21.19 -8.73 -15.62
N GLY C 171 -20.00 -8.17 -15.47
CA GLY C 171 -18.96 -8.78 -14.67
C GLY C 171 -17.83 -7.82 -14.29
N VAL C 172 -16.72 -8.40 -13.85
CA VAL C 172 -15.58 -7.63 -13.37
C VAL C 172 -14.32 -8.23 -13.98
N SER C 173 -13.23 -7.48 -13.86
CA SER C 173 -11.91 -7.87 -14.29
C SER C 173 -10.93 -7.46 -13.21
N ASN C 174 -9.94 -8.31 -12.93
CA ASN C 174 -8.88 -7.99 -11.95
C ASN C 174 -9.44 -7.80 -10.54
N TRP C 175 -10.58 -8.43 -10.26
CA TRP C 175 -11.17 -8.42 -8.93
C TRP C 175 -10.54 -9.48 -8.05
N THR C 176 -10.39 -9.15 -6.77
CA THR C 176 -9.84 -10.09 -5.81
C THR C 176 -10.96 -10.83 -5.07
N ILE C 177 -10.57 -11.80 -4.25
CA ILE C 177 -11.55 -12.51 -3.43
C ILE C 177 -12.23 -11.54 -2.49
N ASP C 178 -11.45 -10.74 -1.77
CA ASP C 178 -12.03 -9.76 -0.86
C ASP C 178 -12.85 -8.71 -1.60
N GLY C 179 -12.38 -8.29 -2.77
CA GLY C 179 -13.20 -7.41 -3.60
C GLY C 179 -14.50 -8.06 -4.03
N LEU C 180 -14.42 -9.33 -4.46
CA LEU C 180 -15.63 -10.05 -4.83
C LEU C 180 -16.57 -10.18 -3.65
N LYS C 181 -16.04 -10.58 -2.48
CA LYS C 181 -16.88 -10.67 -1.29
C LYS C 181 -17.55 -9.34 -1.02
N LYS C 182 -16.78 -8.26 -1.13
CA LYS C 182 -17.36 -6.93 -0.97
C LYS C 182 -18.47 -6.72 -1.98
N LEU C 183 -18.19 -7.02 -3.24
CA LEU C 183 -19.16 -6.79 -4.29
C LEU C 183 -20.41 -7.64 -4.09
N PHE C 184 -20.24 -8.90 -3.71
CA PHE C 184 -21.40 -9.76 -3.48
C PHE C 184 -22.35 -9.14 -2.47
N ALA C 185 -21.79 -8.51 -1.43
CA ALA C 185 -22.63 -7.94 -0.39
C ALA C 185 -23.61 -6.93 -0.96
N VAL C 186 -23.16 -6.10 -1.90
CA VAL C 186 -24.01 -5.02 -2.39
C VAL C 186 -24.70 -5.37 -3.70
N ALA C 187 -24.19 -6.35 -4.44
CA ALA C 187 -24.75 -6.67 -5.74
C ALA C 187 -26.17 -7.19 -5.60
N LYS C 188 -27.05 -6.70 -6.48
CA LYS C 188 -28.33 -7.33 -6.76
C LYS C 188 -28.19 -8.35 -7.89
N VAL C 189 -27.34 -8.07 -8.87
CA VAL C 189 -26.97 -9.00 -9.92
C VAL C 189 -25.53 -9.42 -9.67
N LYS C 190 -25.32 -10.71 -9.46
CA LYS C 190 -23.98 -11.19 -9.23
C LYS C 190 -23.15 -11.09 -10.51
N PRO C 191 -21.89 -10.66 -10.41
CA PRO C 191 -21.04 -10.63 -11.61
C PRO C 191 -20.98 -11.99 -12.29
N ALA C 192 -21.09 -11.99 -13.62
CA ALA C 192 -21.09 -13.24 -14.36
C ALA C 192 -19.66 -13.77 -14.61
N VAL C 193 -18.67 -12.87 -14.66
CA VAL C 193 -17.32 -13.17 -15.12
C VAL C 193 -16.33 -12.37 -14.28
N ASN C 194 -15.17 -12.95 -14.00
CA ASN C 194 -14.03 -12.24 -13.44
C ASN C 194 -12.85 -12.50 -14.36
N GLN C 195 -12.49 -11.51 -15.17
CA GLN C 195 -11.41 -11.67 -16.13
C GLN C 195 -10.10 -11.35 -15.45
N ILE C 196 -9.20 -12.33 -15.37
CA ILE C 196 -7.95 -12.21 -14.61
C ILE C 196 -6.83 -12.90 -15.37
N GLU C 197 -5.60 -12.54 -14.99
CA GLU C 197 -4.40 -13.23 -15.48
C GLU C 197 -4.35 -14.65 -14.92
N ILE C 198 -4.28 -15.65 -15.81
CA ILE C 198 -4.16 -17.04 -15.40
C ILE C 198 -3.32 -17.78 -16.43
N HIS C 199 -2.26 -18.42 -15.96
CA HIS C 199 -1.46 -19.24 -16.83
C HIS C 199 -0.66 -20.19 -15.96
N PRO C 200 0.14 -21.07 -16.54
CA PRO C 200 0.85 -22.08 -15.73
C PRO C 200 1.86 -21.49 -14.77
N TYR C 201 2.39 -20.30 -15.04
CA TYR C 201 3.26 -19.61 -14.08
C TYR C 201 2.51 -18.75 -13.08
N LEU C 202 1.19 -18.58 -13.24
CA LEU C 202 0.34 -17.91 -12.25
C LEU C 202 -1.00 -18.63 -12.24
N PRO C 203 -1.06 -19.82 -11.67
CA PRO C 203 -2.33 -20.58 -11.72
C PRO C 203 -3.47 -19.86 -11.05
N ASN C 204 -3.20 -18.96 -10.09
CA ASN C 204 -4.26 -18.14 -9.49
C ASN C 204 -5.35 -19.03 -8.89
N GLU C 205 -4.94 -20.15 -8.30
CA GLU C 205 -5.91 -21.23 -8.06
C GLU C 205 -6.89 -20.86 -6.95
N GLU C 206 -6.40 -20.20 -5.89
CA GLU C 206 -7.33 -19.81 -4.84
C GLU C 206 -8.43 -18.91 -5.38
N LEU C 207 -8.08 -17.95 -6.23
CA LEU C 207 -9.10 -17.07 -6.80
C LEU C 207 -9.99 -17.82 -7.79
N VAL C 208 -9.41 -18.65 -8.65
CA VAL C 208 -10.22 -19.41 -9.58
C VAL C 208 -11.22 -20.27 -8.83
N ARG C 209 -10.73 -21.05 -7.88
CA ARG C 209 -11.60 -21.91 -7.09
C ARG C 209 -12.71 -21.11 -6.40
N PHE C 210 -12.40 -19.89 -5.92
CA PHE C 210 -13.40 -19.11 -5.21
C PHE C 210 -14.45 -18.56 -6.17
N CYS C 211 -14.04 -18.13 -7.36
CA CYS C 211 -15.01 -17.75 -8.37
C CYS C 211 -15.94 -18.92 -8.70
N LEU C 212 -15.36 -20.10 -8.96
CA LEU C 212 -16.18 -21.25 -9.36
C LEU C 212 -17.11 -21.69 -8.24
N ASP C 213 -16.62 -21.64 -7.00
CA ASP C 213 -17.47 -22.02 -5.89
C ASP C 213 -18.61 -21.04 -5.68
N ASN C 214 -18.57 -19.88 -6.34
CA ASN C 214 -19.52 -18.80 -6.10
C ASN C 214 -20.26 -18.36 -7.36
N ASP C 215 -20.24 -19.19 -8.41
CA ASP C 215 -21.03 -18.95 -9.62
C ASP C 215 -20.50 -17.80 -10.46
N VAL C 216 -19.22 -17.48 -10.32
CA VAL C 216 -18.55 -16.46 -11.13
C VAL C 216 -17.63 -17.21 -12.09
N LEU C 217 -17.82 -17.01 -13.39
CA LEU C 217 -16.93 -17.69 -14.34
C LEU C 217 -15.62 -16.92 -14.49
N PRO C 218 -14.47 -17.52 -14.20
CA PRO C 218 -13.23 -16.82 -14.48
C PRO C 218 -12.96 -16.84 -15.97
N SER C 219 -12.17 -15.84 -16.38
CA SER C 219 -11.74 -15.62 -17.74
C SER C 219 -10.26 -15.25 -17.65
N ALA C 220 -9.42 -15.94 -18.42
CA ALA C 220 -7.97 -15.79 -18.28
C ALA C 220 -7.44 -14.96 -19.43
N TYR C 221 -6.91 -13.78 -19.10
CA TYR C 221 -6.11 -13.07 -20.07
C TYR C 221 -4.65 -13.45 -19.88
N SER C 222 -3.83 -13.17 -20.90
CA SER C 222 -2.46 -13.65 -20.97
C SER C 222 -2.36 -15.15 -20.67
N PRO C 223 -3.25 -15.96 -21.28
CA PRO C 223 -3.23 -17.41 -21.01
C PRO C 223 -1.99 -18.11 -21.52
N LEU C 224 -1.24 -17.50 -22.44
CA LEU C 224 0.03 -18.03 -22.92
C LEU C 224 1.21 -17.52 -22.12
N GLY C 225 0.95 -16.88 -20.99
CA GLY C 225 1.96 -16.09 -20.33
C GLY C 225 2.11 -14.76 -21.05
N SER C 226 3.17 -14.07 -20.71
CA SER C 226 3.34 -12.79 -21.36
C SER C 226 4.49 -12.87 -22.34
N GLN C 227 4.47 -11.95 -23.30
CA GLN C 227 5.67 -11.69 -24.08
C GLN C 227 6.91 -11.50 -23.19
N ASP C 228 6.70 -11.16 -21.90
CA ASP C 228 7.72 -10.73 -20.95
C ASP C 228 8.41 -11.94 -20.30
N GLN C 229 9.28 -11.66 -19.32
CA GLN C 229 10.28 -12.58 -18.80
C GLN C 229 10.24 -12.61 -17.27
N VAL C 230 10.45 -13.78 -16.69
CA VAL C 230 10.48 -13.88 -15.22
C VAL C 230 11.71 -13.12 -14.70
N PRO C 231 11.53 -12.18 -13.76
CA PRO C 231 12.62 -11.21 -13.51
C PRO C 231 13.95 -11.82 -13.09
N THR C 232 13.97 -12.66 -12.04
CA THR C 232 15.26 -13.09 -11.49
C THR C 232 15.95 -14.09 -12.39
N THR C 233 15.24 -15.11 -12.84
CA THR C 233 15.84 -16.16 -13.64
C THR C 233 15.64 -15.98 -15.14
N GLY C 234 14.92 -14.94 -15.56
CA GLY C 234 14.66 -14.73 -16.99
C GLY C 234 13.83 -15.80 -17.68
N GLU C 235 12.87 -16.40 -16.99
CA GLU C 235 12.09 -17.48 -17.58
C GLU C 235 10.87 -16.93 -18.32
N ARG C 236 10.64 -17.43 -19.53
CA ARG C 236 9.41 -17.18 -20.26
C ARG C 236 8.56 -18.43 -20.26
N VAL C 237 7.24 -18.26 -20.07
CA VAL C 237 6.32 -19.41 -20.03
C VAL C 237 6.49 -20.27 -21.27
N ARG C 238 6.57 -19.64 -22.44
CA ARG C 238 6.63 -20.39 -23.69
C ARG C 238 7.97 -21.06 -23.91
N ASP C 239 8.94 -20.83 -23.04
CA ASP C 239 10.22 -21.53 -23.08
C ASP C 239 10.30 -22.64 -22.04
N ASP C 240 9.24 -22.88 -21.29
CA ASP C 240 9.34 -23.84 -20.20
C ASP C 240 9.57 -25.22 -20.78
N PRO C 241 10.65 -25.91 -20.41
CA PRO C 241 10.88 -27.25 -20.97
C PRO C 241 9.84 -28.28 -20.57
N GLY C 242 9.29 -28.20 -19.36
CA GLY C 242 8.26 -29.15 -18.95
C GLY C 242 6.98 -28.95 -19.73
N LEU C 243 6.57 -27.69 -19.93
CA LEU C 243 5.36 -27.44 -20.70
C LEU C 243 5.55 -27.84 -22.15
N ASN C 244 6.70 -27.51 -22.75
CA ASN C 244 6.94 -27.90 -24.14
C ASN C 244 7.03 -29.41 -24.31
N ALA C 245 7.56 -30.13 -23.32
CA ALA C 245 7.68 -31.59 -23.42
C ALA C 245 6.31 -32.27 -23.55
N VAL C 246 5.30 -31.76 -22.82
CA VAL C 246 3.94 -32.29 -22.91
C VAL C 246 3.34 -32.03 -24.29
N ALA C 247 3.48 -30.80 -24.79
CA ALA C 247 2.98 -30.50 -26.12
C ALA C 247 3.68 -31.34 -27.19
N ASN C 248 4.98 -31.56 -27.02
CA ASN C 248 5.70 -32.39 -27.98
C ASN C 248 5.17 -33.83 -27.97
N ARG C 249 4.93 -34.39 -26.78
CA ARG C 249 4.45 -35.77 -26.74
C ARG C 249 3.11 -35.93 -27.45
N SER C 250 2.27 -34.91 -27.49
CA SER C 250 0.94 -35.07 -28.06
C SER C 250 0.80 -34.42 -29.43
N ASN C 251 1.91 -33.93 -30.00
CA ASN C 251 1.88 -33.33 -31.34
C ASN C 251 0.86 -32.18 -31.43
N MET C 252 0.75 -31.38 -30.37
CA MET C 252 0.06 -30.11 -30.42
C MET C 252 1.06 -28.99 -30.18
N THR C 253 0.70 -27.77 -30.60
CA THR C 253 1.55 -26.64 -30.27
C THR C 253 1.53 -26.36 -28.77
N LEU C 254 2.58 -25.67 -28.30
CA LEU C 254 2.63 -25.24 -26.91
C LEU C 254 1.42 -24.36 -26.56
N ALA C 255 1.05 -23.45 -27.45
CA ALA C 255 -0.14 -22.63 -27.22
C ALA C 255 -1.39 -23.50 -27.03
N GLN C 256 -1.56 -24.52 -27.88
CA GLN C 256 -2.72 -25.38 -27.77
C GLN C 256 -2.77 -26.14 -26.45
N ALA C 257 -1.62 -26.64 -25.97
CA ALA C 257 -1.62 -27.24 -24.64
C ALA C 257 -1.98 -26.22 -23.55
N LEU C 258 -1.45 -25.00 -23.65
CA LEU C 258 -1.72 -24.05 -22.57
C LEU C 258 -3.16 -23.61 -22.60
N LEU C 259 -3.69 -23.31 -23.79
CA LEU C 259 -5.10 -22.99 -23.90
C LEU C 259 -5.96 -24.15 -23.40
N GLY C 260 -5.64 -25.37 -23.83
CA GLY C 260 -6.44 -26.52 -23.42
C GLY C 260 -6.42 -26.74 -21.92
N TRP C 261 -5.30 -26.41 -21.29
CA TRP C 261 -5.20 -26.55 -19.84
C TRP C 261 -6.18 -25.60 -19.14
N GLY C 262 -6.22 -24.33 -19.55
CA GLY C 262 -7.12 -23.39 -18.92
C GLY C 262 -8.58 -23.79 -19.06
N VAL C 263 -8.97 -24.23 -20.26
CA VAL C 263 -10.36 -24.61 -20.51
C VAL C 263 -10.75 -25.82 -19.66
N LYS C 264 -9.84 -26.79 -19.54
CA LYS C 264 -10.17 -27.98 -18.74
C LYS C 264 -10.30 -27.66 -17.26
N ARG C 265 -9.52 -26.71 -16.75
CA ARG C 265 -9.71 -26.21 -15.38
C ARG C 265 -11.12 -25.64 -15.20
N GLY C 266 -11.73 -25.19 -16.29
CA GLY C 266 -13.10 -24.77 -16.29
C GLY C 266 -13.34 -23.29 -16.55
N TYR C 267 -12.49 -22.60 -17.32
CA TYR C 267 -12.65 -21.15 -17.50
C TYR C 267 -12.30 -20.76 -18.92
N VAL C 268 -12.59 -19.51 -19.25
CA VAL C 268 -12.37 -19.00 -20.59
C VAL C 268 -10.90 -18.62 -20.74
N VAL C 269 -10.38 -18.74 -21.96
CA VAL C 269 -9.01 -18.34 -22.27
C VAL C 269 -9.07 -17.33 -23.41
N LEU C 270 -8.22 -16.31 -23.35
CA LEU C 270 -8.32 -15.17 -24.27
C LEU C 270 -7.00 -14.92 -24.99
N PRO C 271 -6.54 -15.89 -25.80
CA PRO C 271 -5.26 -15.71 -26.52
C PRO C 271 -5.28 -14.53 -27.46
N LYS C 272 -4.18 -13.78 -27.46
CA LYS C 272 -3.98 -12.70 -28.41
C LYS C 272 -2.83 -13.03 -29.36
N SER C 273 -2.95 -12.52 -30.58
CA SER C 273 -1.87 -12.66 -31.54
C SER C 273 -2.06 -11.70 -32.70
N SER C 274 -0.93 -11.31 -33.29
CA SER C 274 -0.88 -10.52 -34.51
C SER C 274 -0.58 -11.37 -35.74
N THR C 275 0.00 -12.54 -35.56
CA THR C 275 0.48 -13.35 -36.69
C THR C 275 -0.66 -14.22 -37.19
N PRO C 276 -1.04 -14.13 -38.47
CA PRO C 276 -2.20 -14.93 -38.92
C PRO C 276 -2.07 -16.41 -38.65
N SER C 277 -0.88 -17.00 -38.87
CA SER C 277 -0.70 -18.43 -38.63
C SER C 277 -0.98 -18.78 -37.18
N ARG C 278 -0.59 -17.92 -36.25
CA ARG C 278 -0.81 -18.25 -34.86
C ARG C 278 -2.26 -17.98 -34.45
N ILE C 279 -2.90 -17.02 -35.12
CA ILE C 279 -4.32 -16.78 -34.90
C ILE C 279 -5.13 -18.01 -35.31
N LYS C 280 -4.80 -18.58 -36.48
CA LYS C 280 -5.49 -19.78 -36.95
C LYS C 280 -5.26 -20.97 -36.03
N SER C 281 -4.01 -21.18 -35.60
CA SER C 281 -3.73 -22.37 -34.81
C SER C 281 -4.22 -22.24 -33.37
N ASN C 282 -4.27 -21.01 -32.83
CA ASN C 282 -4.71 -20.83 -31.44
C ASN C 282 -6.20 -21.17 -31.20
N ILE C 283 -7.05 -21.13 -32.23
CA ILE C 283 -8.46 -21.51 -32.01
C ILE C 283 -8.65 -23.02 -32.02
N GLU C 284 -7.66 -23.78 -32.47
CA GLU C 284 -7.76 -25.24 -32.47
C GLU C 284 -7.42 -25.79 -31.09
N VAL C 285 -8.21 -25.38 -30.11
CA VAL C 285 -7.89 -25.74 -28.73
C VAL C 285 -8.31 -27.17 -28.43
N PRO C 286 -7.39 -28.03 -27.98
CA PRO C 286 -7.76 -29.42 -27.66
C PRO C 286 -8.59 -29.53 -26.38
N ASP C 287 -9.38 -30.59 -26.30
CA ASP C 287 -10.00 -31.02 -25.05
C ASP C 287 -9.02 -32.05 -24.45
N LEU C 288 -8.23 -31.61 -23.48
CA LEU C 288 -7.01 -32.34 -23.13
C LEU C 288 -7.31 -33.71 -22.54
N SER C 289 -6.48 -34.68 -22.88
CA SER C 289 -6.61 -35.98 -22.22
C SER C 289 -6.27 -35.81 -20.74
N GLU C 290 -6.73 -36.77 -19.91
CA GLU C 290 -6.41 -36.65 -18.49
C GLU C 290 -4.91 -36.68 -18.28
N ALA C 291 -4.21 -37.54 -19.04
CA ALA C 291 -2.76 -37.62 -18.95
C ALA C 291 -2.10 -36.27 -19.21
N ASP C 292 -2.44 -35.63 -20.33
CA ASP C 292 -1.88 -34.32 -20.65
C ASP C 292 -2.25 -33.32 -19.59
N TYR C 293 -3.49 -33.37 -19.11
CA TYR C 293 -3.94 -32.40 -18.14
C TYR C 293 -3.13 -32.50 -16.87
N GLN C 294 -2.92 -33.72 -16.37
CA GLN C 294 -2.16 -33.87 -15.14
C GLN C 294 -0.69 -33.54 -15.34
N ASP C 295 -0.13 -33.87 -16.51
CA ASP C 295 1.29 -33.62 -16.70
C ASP C 295 1.58 -32.13 -16.75
N LEU C 296 0.67 -31.35 -17.34
CA LEU C 296 0.84 -29.90 -17.35
C LEU C 296 0.76 -29.34 -15.94
N TRP C 297 -0.18 -29.85 -15.14
CA TRP C 297 -0.31 -29.39 -13.76
C TRP C 297 0.90 -29.72 -12.93
N LYS C 298 1.61 -30.81 -13.26
CA LYS C 298 2.83 -31.12 -12.54
C LYS C 298 3.84 -30.00 -12.71
N VAL C 299 3.95 -29.46 -13.93
CA VAL C 299 4.88 -28.36 -14.15
C VAL C 299 4.43 -27.13 -13.35
N ALA C 300 3.14 -26.80 -13.41
CA ALA C 300 2.66 -25.59 -12.74
C ALA C 300 2.77 -25.70 -11.22
N ASN C 301 2.48 -26.88 -10.67
CA ASN C 301 2.55 -27.09 -9.23
C ASN C 301 3.99 -27.07 -8.70
N GLY C 302 4.97 -27.18 -9.58
CA GLY C 302 6.33 -27.27 -9.11
C GLY C 302 7.05 -25.94 -9.02
N ARG C 303 6.32 -24.82 -8.90
CA ARG C 303 7.01 -23.53 -8.91
C ARG C 303 6.21 -22.46 -8.18
N LYS C 304 6.93 -21.41 -7.75
CA LYS C 304 6.35 -20.21 -7.17
C LYS C 304 5.84 -19.29 -8.27
N PRO C 305 4.73 -18.60 -8.04
CA PRO C 305 4.03 -17.91 -9.13
C PRO C 305 4.71 -16.61 -9.55
N THR C 306 4.48 -16.24 -10.80
CA THR C 306 4.99 -14.98 -11.33
C THR C 306 3.85 -14.24 -11.99
N ARG C 307 3.57 -13.02 -11.53
CA ARG C 307 2.54 -12.21 -12.13
C ARG C 307 3.16 -11.29 -13.18
N PHE C 308 2.65 -11.35 -14.41
CA PHE C 308 3.22 -10.53 -15.46
C PHE C 308 2.48 -9.23 -15.69
N VAL C 309 1.20 -9.12 -15.33
CA VAL C 309 0.43 -7.90 -15.61
C VAL C 309 0.19 -7.16 -14.29
N ASP C 310 0.84 -6.01 -14.14
CA ASP C 310 0.74 -5.21 -12.94
C ASP C 310 1.03 -3.78 -13.32
N MET C 311 0.00 -2.94 -13.34
CA MET C 311 0.16 -1.56 -13.75
C MET C 311 0.34 -0.61 -12.55
N LYS C 312 0.94 -1.12 -11.46
CA LYS C 312 1.32 -0.29 -10.33
C LYS C 312 1.83 1.08 -10.74
N ASP C 313 2.84 1.12 -11.60
CA ASP C 313 3.50 2.38 -11.87
C ASP C 313 2.62 3.35 -12.63
N THR C 314 1.81 2.85 -13.56
CA THR C 314 0.90 3.72 -14.30
C THR C 314 -0.20 4.24 -13.39
N PHE C 315 -0.80 3.36 -12.59
CA PHE C 315 -1.95 3.70 -11.78
C PHE C 315 -1.57 4.50 -10.54
N GLY C 316 -0.35 4.31 -10.03
CA GLY C 316 -0.04 4.79 -8.70
C GLY C 316 -0.90 4.10 -7.67
N TYR C 317 -1.14 2.81 -7.86
CA TYR C 317 -2.03 2.02 -7.03
C TYR C 317 -1.54 0.58 -7.10
N ASP C 318 -1.28 -0.01 -5.94
CA ASP C 318 -0.71 -1.35 -5.84
C ASP C 318 -1.84 -2.29 -5.41
N LEU C 319 -2.58 -2.81 -6.39
CA LEU C 319 -3.73 -3.65 -6.08
C LEU C 319 -3.33 -4.95 -5.37
N TRP C 320 -2.22 -5.56 -5.78
CA TRP C 320 -1.87 -6.89 -5.28
C TRP C 320 -0.69 -6.88 -4.29
N LYS C 321 -0.39 -5.74 -3.67
CA LYS C 321 0.70 -5.66 -2.71
C LYS C 321 0.75 -6.88 -1.81
N GLU C 322 1.94 -7.51 -1.72
CA GLU C 322 2.12 -8.68 -0.85
C GLU C 322 2.68 -8.35 0.53
N SER C 323 3.91 -7.85 0.59
CA SER C 323 4.61 -7.38 1.79
C SER C 323 4.97 -8.48 2.81
N GLN C 324 4.61 -9.73 2.57
CA GLN C 324 4.85 -10.79 3.57
C GLN C 324 5.79 -11.89 3.05
#